data_1MKL
# 
_entry.id   1MKL 
# 
_audit_conform.dict_name       mmcif_pdbx.dic 
_audit_conform.dict_version    5.391 
_audit_conform.dict_location   http://mmcif.pdb.org/dictionaries/ascii/mmcif_pdbx.dic 
# 
loop_
_database_2.database_id 
_database_2.database_code 
_database_2.pdbx_database_accession 
_database_2.pdbx_DOI 
PDB   1MKL         pdb_00001mkl 10.2210/pdb1mkl/pdb 
RCSB  RCSB016986   ?            ?                   
WWPDB D_1000016986 ?            ?                   
# 
loop_
_pdbx_audit_revision_history.ordinal 
_pdbx_audit_revision_history.data_content_type 
_pdbx_audit_revision_history.major_revision 
_pdbx_audit_revision_history.minor_revision 
_pdbx_audit_revision_history.revision_date 
1 'Structure model' 1 0 2002-10-16 
2 'Structure model' 1 1 2008-04-28 
3 'Structure model' 1 2 2011-07-13 
4 'Structure model' 2 0 2019-01-30 
5 'Structure model' 2 1 2024-05-01 
# 
_pdbx_audit_revision_details.ordinal             1 
_pdbx_audit_revision_details.revision_ordinal    1 
_pdbx_audit_revision_details.data_content_type   'Structure model' 
_pdbx_audit_revision_details.provider            repository 
_pdbx_audit_revision_details.type                'Initial release' 
_pdbx_audit_revision_details.description         ? 
_pdbx_audit_revision_details.details             ? 
# 
loop_
_pdbx_audit_revision_group.ordinal 
_pdbx_audit_revision_group.revision_ordinal 
_pdbx_audit_revision_group.data_content_type 
_pdbx_audit_revision_group.group 
1  2 'Structure model' 'Version format compliance' 
2  3 'Structure model' 'Version format compliance' 
3  4 'Structure model' 'Atomic model'              
4  4 'Structure model' 'Data collection'           
5  4 'Structure model' 'Database references'       
6  4 'Structure model' 'Derived calculations'      
7  4 'Structure model' 'Non-polymer description'   
8  4 'Structure model' 'Polymer sequence'          
9  4 'Structure model' 'Source and taxonomy'       
10 4 'Structure model' 'Structure summary'         
11 5 'Structure model' 'Data collection'           
12 5 'Structure model' 'Database references'       
13 5 'Structure model' 'Derived calculations'      
# 
loop_
_pdbx_audit_revision_category.ordinal 
_pdbx_audit_revision_category.revision_ordinal 
_pdbx_audit_revision_category.data_content_type 
_pdbx_audit_revision_category.category 
1  4 'Structure model' atom_site                    
2  4 'Structure model' chem_comp                    
3  4 'Structure model' entity                       
4  4 'Structure model' entity_poly                  
5  4 'Structure model' entity_poly_seq              
6  4 'Structure model' ndb_struct_na_base_pair      
7  4 'Structure model' ndb_struct_na_base_pair_step 
8  4 'Structure model' pdbx_entity_nonpoly          
9  4 'Structure model' pdbx_entity_src_syn          
10 4 'Structure model' pdbx_nonpoly_scheme          
11 4 'Structure model' pdbx_poly_seq_scheme         
12 4 'Structure model' pdbx_struct_assembly         
13 4 'Structure model' pdbx_struct_mod_residue      
14 4 'Structure model' pdbx_struct_oper_list        
15 4 'Structure model' pdbx_validate_planes         
16 4 'Structure model' struct_asym                  
17 4 'Structure model' struct_conn                  
18 4 'Structure model' struct_ref                   
19 5 'Structure model' chem_comp_atom               
20 5 'Structure model' chem_comp_bond               
21 5 'Structure model' database_2                   
22 5 'Structure model' pdbx_nmr_software            
23 5 'Structure model' struct_conn                  
# 
loop_
_pdbx_audit_revision_item.ordinal 
_pdbx_audit_revision_item.revision_ordinal 
_pdbx_audit_revision_item.data_content_type 
_pdbx_audit_revision_item.item 
1  4 'Structure model' '_atom_site.Cartn_x'                              
2  4 'Structure model' '_atom_site.Cartn_y'                              
3  4 'Structure model' '_atom_site.Cartn_z'                              
4  4 'Structure model' '_atom_site.auth_asym_id'                         
5  4 'Structure model' '_atom_site.auth_atom_id'                         
6  4 'Structure model' '_atom_site.auth_comp_id'                         
7  4 'Structure model' '_atom_site.auth_seq_id'                          
8  4 'Structure model' '_atom_site.group_PDB'                            
9  4 'Structure model' '_atom_site.label_asym_id'                        
10 4 'Structure model' '_atom_site.label_atom_id'                        
11 4 'Structure model' '_atom_site.label_comp_id'                        
12 4 'Structure model' '_atom_site.label_entity_id'                      
13 4 'Structure model' '_atom_site.label_seq_id'                         
14 4 'Structure model' '_atom_site.type_symbol'                          
15 4 'Structure model' '_chem_comp.formula'                              
16 4 'Structure model' '_chem_comp.formula_weight'                       
17 4 'Structure model' '_chem_comp.id'                                   
18 4 'Structure model' '_chem_comp.mon_nstd_flag'                        
19 4 'Structure model' '_chem_comp.name'                                 
20 4 'Structure model' '_chem_comp.type'                                 
21 4 'Structure model' '_entity_poly.nstd_monomer'                       
22 4 'Structure model' '_entity_poly.pdbx_seq_one_letter_code'           
23 4 'Structure model' '_entity_poly.pdbx_seq_one_letter_code_can'       
24 4 'Structure model' '_entity_poly_seq.mon_id'                         
25 4 'Structure model' '_ndb_struct_na_base_pair.i_label_comp_id'        
26 4 'Structure model' '_ndb_struct_na_base_pair.pair_name'              
27 4 'Structure model' '_ndb_struct_na_base_pair_step.i_label_comp_id_1' 
28 4 'Structure model' '_ndb_struct_na_base_pair_step.i_label_comp_id_2' 
29 4 'Structure model' '_ndb_struct_na_base_pair_step.step_name'         
30 4 'Structure model' '_pdbx_poly_seq_scheme.mon_id'                    
31 4 'Structure model' '_pdbx_poly_seq_scheme.pdb_mon_id'                
32 4 'Structure model' '_struct_ref.pdbx_align_begin'                    
33 5 'Structure model' '_database_2.pdbx_DOI'                            
34 5 'Structure model' '_database_2.pdbx_database_accession'             
35 5 'Structure model' '_pdbx_nmr_software.name'                         
36 5 'Structure model' '_struct_conn.pdbx_leaving_atom_flag'             
# 
_pdbx_database_status.status_code                     REL 
_pdbx_database_status.entry_id                        1MKL 
_pdbx_database_status.recvd_initial_deposition_date   2002-08-29 
_pdbx_database_status.deposit_site                    RCSB 
_pdbx_database_status.process_site                    RCSB 
_pdbx_database_status.status_code_mr                  REL 
_pdbx_database_status.SG_entry                        . 
_pdbx_database_status.pdb_format_compatible           Y 
_pdbx_database_status.status_code_sf                  ? 
_pdbx_database_status.status_code_cs                  ? 
_pdbx_database_status.methods_development_category    ? 
_pdbx_database_status.status_code_nmr_data            ? 
# 
_pdbx_database_related.db_name        PDB 
_pdbx_database_related.db_id          1MK6 
_pdbx_database_related.details        
'SOLUTION STRUCTURE OF THE 8,9-DIHYDRO-8-(N7-GUANYL)-9-HYDROXY-AFLATOXIN B1 ADDUCT MISPAIRED WITH DEOXYADENOSINE' 
_pdbx_database_related.content_type   unspecified 
# 
loop_
_audit_author.name 
_audit_author.pdbx_ordinal 
'Giri, I.'              1 
'Jenkins, M.D.'         2 
'Schnetz-Boutaud, N.C.' 3 
'Stone, M.P.'           4 
# 
_citation.id                        primary 
_citation.title                     
;Structural refinement of the 8,9-dihydro-8-(N7-guanyl)-9-hydroxy-aflatoxin B(1) adduct in a 5'-Cp(AFB)G-3' sequence.
;
_citation.journal_abbrev            Chem.Res.Toxicol. 
_citation.journal_volume            15 
_citation.page_first                638 
_citation.page_last                 647 
_citation.year                      2002 
_citation.journal_id_ASTM           CRTOEC 
_citation.country                   US 
_citation.journal_id_ISSN           0893-228X 
_citation.journal_id_CSD            2140 
_citation.book_publisher            ? 
_citation.pdbx_database_id_PubMed   12018984 
_citation.pdbx_database_id_DOI      10.1021/tx010187n 
# 
loop_
_citation_author.citation_id 
_citation_author.name 
_citation_author.ordinal 
_citation_author.identifier_ORCID 
primary 'Giri, I.'              1 ? 
primary 'Jenkins, M.D.'         2 ? 
primary 'Schnetz-Boutaud, N.C.' 3 ? 
primary 'Stone, M.P.'           4 ? 
# 
loop_
_entity.id 
_entity.type 
_entity.src_method 
_entity.pdbx_description 
_entity.formula_weight 
_entity.pdbx_number_of_molecules 
_entity.pdbx_ec 
_entity.pdbx_mutation 
_entity.pdbx_fragment 
_entity.details 
1 polymer     syn "5'-D(*AP*CP*AP*TP*CP*GP*AP*TP*CP*T)-3'" 3003.993 1 ? ? ? ? 
2 polymer     syn "5'-D(*AP*GP*AP*TP*CP*GP*AP*TP*GP*T)-3'" 3084.041 1 ? ? ? ? 
3 non-polymer syn '8,9-DIHYDRO-9-HYDROXY-AFLATOXIN B1'     330.289  1 ? ? ? ? 
# 
loop_
_entity_poly.entity_id 
_entity_poly.type 
_entity_poly.nstd_linkage 
_entity_poly.nstd_monomer 
_entity_poly.pdbx_seq_one_letter_code 
_entity_poly.pdbx_seq_one_letter_code_can 
_entity_poly.pdbx_strand_id 
_entity_poly.pdbx_target_identifier 
1 polydeoxyribonucleotide no no '(DA)(DC)(DA)(DT)(DC)(DG)(DA)(DT)(DC)(DT)' ACATCGATCT A ? 
2 polydeoxyribonucleotide no no '(DA)(DG)(DA)(DT)(DC)(DG)(DA)(DT)(DG)(DT)' AGATCGATGT B ? 
# 
_pdbx_entity_nonpoly.entity_id   3 
_pdbx_entity_nonpoly.name        '8,9-DIHYDRO-9-HYDROXY-AFLATOXIN B1' 
_pdbx_entity_nonpoly.comp_id     AFN 
# 
loop_
_entity_poly_seq.entity_id 
_entity_poly_seq.num 
_entity_poly_seq.mon_id 
_entity_poly_seq.hetero 
1 1  DA n 
1 2  DC n 
1 3  DA n 
1 4  DT n 
1 5  DC n 
1 6  DG n 
1 7  DA n 
1 8  DT n 
1 9  DC n 
1 10 DT n 
2 1  DA n 
2 2  DG n 
2 3  DA n 
2 4  DT n 
2 5  DC n 
2 6  DG n 
2 7  DA n 
2 8  DT n 
2 9  DG n 
2 10 DT n 
# 
loop_
_pdbx_entity_src_syn.entity_id 
_pdbx_entity_src_syn.pdbx_src_id 
_pdbx_entity_src_syn.pdbx_alt_source_flag 
_pdbx_entity_src_syn.pdbx_beg_seq_num 
_pdbx_entity_src_syn.pdbx_end_seq_num 
_pdbx_entity_src_syn.organism_scientific 
_pdbx_entity_src_syn.organism_common_name 
_pdbx_entity_src_syn.ncbi_taxonomy_id 
_pdbx_entity_src_syn.details 
1 1 sample 1 10 'synthetic construct' ? 32630 ? 
2 1 sample 1 10 'synthetic construct' ? 32630 ? 
# 
loop_
_chem_comp.id 
_chem_comp.type 
_chem_comp.mon_nstd_flag 
_chem_comp.name 
_chem_comp.pdbx_synonyms 
_chem_comp.formula 
_chem_comp.formula_weight 
AFN non-polymer   . '8,9-DIHYDRO-9-HYDROXY-AFLATOXIN B1' ? 'C17 H14 O7'      330.289 
DA  'DNA linking' y "2'-DEOXYADENOSINE-5'-MONOPHOSPHATE" ? 'C10 H14 N5 O6 P' 331.222 
DC  'DNA linking' y "2'-DEOXYCYTIDINE-5'-MONOPHOSPHATE"  ? 'C9 H14 N3 O7 P'  307.197 
DG  'DNA linking' y "2'-DEOXYGUANOSINE-5'-MONOPHOSPHATE" ? 'C10 H14 N5 O7 P' 347.221 
DT  'DNA linking' y "THYMIDINE-5'-MONOPHOSPHATE"         ? 'C10 H15 N2 O8 P' 322.208 
# 
loop_
_pdbx_poly_seq_scheme.asym_id 
_pdbx_poly_seq_scheme.entity_id 
_pdbx_poly_seq_scheme.seq_id 
_pdbx_poly_seq_scheme.mon_id 
_pdbx_poly_seq_scheme.ndb_seq_num 
_pdbx_poly_seq_scheme.pdb_seq_num 
_pdbx_poly_seq_scheme.auth_seq_num 
_pdbx_poly_seq_scheme.pdb_mon_id 
_pdbx_poly_seq_scheme.auth_mon_id 
_pdbx_poly_seq_scheme.pdb_strand_id 
_pdbx_poly_seq_scheme.pdb_ins_code 
_pdbx_poly_seq_scheme.hetero 
A 1 1  DA 1  1  1  DA A A . n 
A 1 2  DC 2  2  2  DC C A . n 
A 1 3  DA 3  3  3  DA A A . n 
A 1 4  DT 4  4  4  DT T A . n 
A 1 5  DC 5  5  5  DC C A . n 
A 1 6  DG 6  6  6  DG X A . n 
A 1 7  DA 7  7  7  DA A A . n 
A 1 8  DT 8  8  8  DT T A . n 
A 1 9  DC 9  9  9  DC C A . n 
A 1 10 DT 10 10 10 DT T A . n 
B 2 1  DA 1  11 11 DA A B . n 
B 2 2  DG 2  12 12 DG G B . n 
B 2 3  DA 3  13 13 DA A B . n 
B 2 4  DT 4  14 14 DT T B . n 
B 2 5  DC 5  15 15 DC C B . n 
B 2 6  DG 6  16 16 DG G B . n 
B 2 7  DA 7  17 17 DA A B . n 
B 2 8  DT 8  18 18 DT T B . n 
B 2 9  DG 9  19 19 DG G B . n 
B 2 10 DT 10 20 20 DT T B . n 
# 
_pdbx_nonpoly_scheme.asym_id         C 
_pdbx_nonpoly_scheme.entity_id       3 
_pdbx_nonpoly_scheme.mon_id          AFN 
_pdbx_nonpoly_scheme.ndb_seq_num     1 
_pdbx_nonpoly_scheme.pdb_seq_num     11 
_pdbx_nonpoly_scheme.auth_seq_num    6 
_pdbx_nonpoly_scheme.pdb_mon_id      AFN 
_pdbx_nonpoly_scheme.auth_mon_id     X 
_pdbx_nonpoly_scheme.pdb_strand_id   A 
_pdbx_nonpoly_scheme.pdb_ins_code    . 
# 
_exptl.entry_id          1MKL 
_exptl.method            'SOLUTION NMR' 
_exptl.crystals_number   ? 
# 
_exptl_crystal.id                    1 
_exptl_crystal.density_meas          ? 
_exptl_crystal.density_Matthews      ? 
_exptl_crystal.density_percent_sol   ? 
_exptl_crystal.description           ? 
# 
_diffrn.id                     1 
_diffrn.crystal_id             1 
_diffrn.ambient_temp           ? 
_diffrn.ambient_temp_details   ? 
# 
_diffrn_radiation.diffrn_id                        1 
_diffrn_radiation.wavelength_id                    1 
_diffrn_radiation.pdbx_monochromatic_or_laue_m_l   M 
_diffrn_radiation.monochromator                    ? 
_diffrn_radiation.pdbx_diffrn_protocol             'SINGLE WAVELENGTH' 
_diffrn_radiation.pdbx_scattering_type             ? 
# 
_diffrn_radiation_wavelength.id           1 
_diffrn_radiation_wavelength.wavelength   . 
_diffrn_radiation_wavelength.wt           1.0 
# 
_struct.entry_id                  1MKL 
_struct.title                     
;NMR REFINED STRUCTURE OF THE 8,9-DIHYDRO-8-(N7-GUANYL)-9-HYDROXY-AFLATOXIN B1 ADDUCT IN A 5'-CPAFBG-3' SEQUENCE
;
_struct.pdbx_model_details        ? 
_struct.pdbx_CASP_flag            ? 
_struct.pdbx_model_type_details   ? 
# 
_struct_keywords.entry_id        1MKL 
_struct_keywords.pdbx_keywords   DNA 
_struct_keywords.text            
;Structure of the 8, 9-Dihydro-8-(N7-guanyl)-9-hydroxy-aflatoxin B1 Adduct in a 5'-CpAFBG-3' Sequence context, DNA
;
# 
loop_
_struct_asym.id 
_struct_asym.pdbx_blank_PDB_chainid_flag 
_struct_asym.pdbx_modified 
_struct_asym.entity_id 
_struct_asym.details 
A N N 1 ? 
B N N 2 ? 
C N N 3 ? 
# 
loop_
_struct_ref.id 
_struct_ref.db_name 
_struct_ref.db_code 
_struct_ref.pdbx_db_accession 
_struct_ref.pdbx_db_isoform 
_struct_ref.entity_id 
_struct_ref.pdbx_seq_one_letter_code 
_struct_ref.pdbx_align_begin 
1 PDB 1MKL 1MKL ? 1 ? 1 
2 PDB 1MKL 1MKL ? 2 ? 1 
# 
loop_
_struct_ref_seq.align_id 
_struct_ref_seq.ref_id 
_struct_ref_seq.pdbx_PDB_id_code 
_struct_ref_seq.pdbx_strand_id 
_struct_ref_seq.seq_align_beg 
_struct_ref_seq.pdbx_seq_align_beg_ins_code 
_struct_ref_seq.seq_align_end 
_struct_ref_seq.pdbx_seq_align_end_ins_code 
_struct_ref_seq.pdbx_db_accession 
_struct_ref_seq.db_align_beg 
_struct_ref_seq.pdbx_db_align_beg_ins_code 
_struct_ref_seq.db_align_end 
_struct_ref_seq.pdbx_db_align_end_ins_code 
_struct_ref_seq.pdbx_auth_seq_align_beg 
_struct_ref_seq.pdbx_auth_seq_align_end 
1 1 1MKL A 1 ? 10 ? 1MKL 1  ? 10 ? 1  10 
2 2 1MKL B 1 ? 10 ? 1MKL 11 ? 20 ? 11 20 
# 
_pdbx_struct_assembly.id                   1 
_pdbx_struct_assembly.details              author_defined_assembly 
_pdbx_struct_assembly.method_details       ? 
_pdbx_struct_assembly.oligomeric_details   dimeric 
_pdbx_struct_assembly.oligomeric_count     2 
# 
_pdbx_struct_assembly_gen.assembly_id       1 
_pdbx_struct_assembly_gen.oper_expression   1 
_pdbx_struct_assembly_gen.asym_id_list      A,B,C 
# 
_pdbx_struct_oper_list.id                   1 
_pdbx_struct_oper_list.type                 'identity operation' 
_pdbx_struct_oper_list.name                 1_555 
_pdbx_struct_oper_list.symmetry_operation   ? 
_pdbx_struct_oper_list.matrix[1][1]         1.0000000000 
_pdbx_struct_oper_list.matrix[1][2]         0.0000000000 
_pdbx_struct_oper_list.matrix[1][3]         0.0000000000 
_pdbx_struct_oper_list.vector[1]            0.0000000000 
_pdbx_struct_oper_list.matrix[2][1]         0.0000000000 
_pdbx_struct_oper_list.matrix[2][2]         1.0000000000 
_pdbx_struct_oper_list.matrix[2][3]         0.0000000000 
_pdbx_struct_oper_list.vector[2]            0.0000000000 
_pdbx_struct_oper_list.matrix[3][1]         0.0000000000 
_pdbx_struct_oper_list.matrix[3][2]         0.0000000000 
_pdbx_struct_oper_list.matrix[3][3]         1.0000000000 
_pdbx_struct_oper_list.vector[3]            0.0000000000 
# 
loop_
_struct_conn.id 
_struct_conn.conn_type_id 
_struct_conn.pdbx_leaving_atom_flag 
_struct_conn.pdbx_PDB_id 
_struct_conn.ptnr1_label_asym_id 
_struct_conn.ptnr1_label_comp_id 
_struct_conn.ptnr1_label_seq_id 
_struct_conn.ptnr1_label_atom_id 
_struct_conn.pdbx_ptnr1_label_alt_id 
_struct_conn.pdbx_ptnr1_PDB_ins_code 
_struct_conn.pdbx_ptnr1_standard_comp_id 
_struct_conn.ptnr1_symmetry 
_struct_conn.ptnr2_label_asym_id 
_struct_conn.ptnr2_label_comp_id 
_struct_conn.ptnr2_label_seq_id 
_struct_conn.ptnr2_label_atom_id 
_struct_conn.pdbx_ptnr2_label_alt_id 
_struct_conn.pdbx_ptnr2_PDB_ins_code 
_struct_conn.ptnr1_auth_asym_id 
_struct_conn.ptnr1_auth_comp_id 
_struct_conn.ptnr1_auth_seq_id 
_struct_conn.ptnr2_auth_asym_id 
_struct_conn.ptnr2_auth_comp_id 
_struct_conn.ptnr2_auth_seq_id 
_struct_conn.ptnr2_symmetry 
_struct_conn.pdbx_ptnr3_label_atom_id 
_struct_conn.pdbx_ptnr3_label_seq_id 
_struct_conn.pdbx_ptnr3_label_comp_id 
_struct_conn.pdbx_ptnr3_label_asym_id 
_struct_conn.pdbx_ptnr3_label_alt_id 
_struct_conn.pdbx_ptnr3_PDB_ins_code 
_struct_conn.details 
_struct_conn.pdbx_dist_value 
_struct_conn.pdbx_value_order 
_struct_conn.pdbx_role 
covale1  covale none ? A DG 6  N7 ? ? ? 1_555 C AFN .  C8A ? ? A DG 6  A AFN 11 1_555 ? ? ? ? ? ? ?            1.502 sing ? 
hydrog1  hydrog ?    ? A DA 1  N1 ? ? ? 1_555 B DT  10 N3  ? ? A DA 1  B DT  20 1_555 ? ? ? ? ? ? WATSON-CRICK ?     ?    ? 
hydrog2  hydrog ?    ? A DA 1  N6 ? ? ? 1_555 B DT  10 O4  ? ? A DA 1  B DT  20 1_555 ? ? ? ? ? ? WATSON-CRICK ?     ?    ? 
hydrog3  hydrog ?    ? A DC 2  N3 ? ? ? 1_555 B DG  9  N1  ? ? A DC 2  B DG  19 1_555 ? ? ? ? ? ? WATSON-CRICK ?     ?    ? 
hydrog4  hydrog ?    ? A DC 2  N4 ? ? ? 1_555 B DG  9  O6  ? ? A DC 2  B DG  19 1_555 ? ? ? ? ? ? WATSON-CRICK ?     ?    ? 
hydrog5  hydrog ?    ? A DC 2  O2 ? ? ? 1_555 B DG  9  N2  ? ? A DC 2  B DG  19 1_555 ? ? ? ? ? ? WATSON-CRICK ?     ?    ? 
hydrog6  hydrog ?    ? A DA 3  N1 ? ? ? 1_555 B DT  8  N3  ? ? A DA 3  B DT  18 1_555 ? ? ? ? ? ? WATSON-CRICK ?     ?    ? 
hydrog7  hydrog ?    ? A DA 3  N6 ? ? ? 1_555 B DT  8  O4  ? ? A DA 3  B DT  18 1_555 ? ? ? ? ? ? WATSON-CRICK ?     ?    ? 
hydrog8  hydrog ?    ? A DT 4  N3 ? ? ? 1_555 B DA  7  N1  ? ? A DT 4  B DA  17 1_555 ? ? ? ? ? ? WATSON-CRICK ?     ?    ? 
hydrog9  hydrog ?    ? A DT 4  O4 ? ? ? 1_555 B DA  7  N6  ? ? A DT 4  B DA  17 1_555 ? ? ? ? ? ? WATSON-CRICK ?     ?    ? 
hydrog10 hydrog ?    ? A DC 5  N3 ? ? ? 1_555 B DG  6  N1  ? ? A DC 5  B DG  16 1_555 ? ? ? ? ? ? WATSON-CRICK ?     ?    ? 
hydrog11 hydrog ?    ? A DC 5  N4 ? ? ? 1_555 B DG  6  O6  ? ? A DC 5  B DG  16 1_555 ? ? ? ? ? ? WATSON-CRICK ?     ?    ? 
hydrog12 hydrog ?    ? A DC 5  O2 ? ? ? 1_555 B DG  6  N2  ? ? A DC 5  B DG  16 1_555 ? ? ? ? ? ? WATSON-CRICK ?     ?    ? 
hydrog13 hydrog ?    ? A DG 6  N1 ? ? ? 1_555 B DC  5  N3  ? ? A DG 6  B DC  15 1_555 ? ? ? ? ? ? WATSON-CRICK ?     ?    ? 
hydrog14 hydrog ?    ? A DG 6  N2 ? ? ? 1_555 B DC  5  O2  ? ? A DG 6  B DC  15 1_555 ? ? ? ? ? ? WATSON-CRICK ?     ?    ? 
hydrog15 hydrog ?    ? A DG 6  O6 ? ? ? 1_555 B DC  5  N4  ? ? A DG 6  B DC  15 1_555 ? ? ? ? ? ? WATSON-CRICK ?     ?    ? 
hydrog16 hydrog ?    ? A DA 7  N1 ? ? ? 1_555 B DT  4  N3  ? ? A DA 7  B DT  14 1_555 ? ? ? ? ? ? WATSON-CRICK ?     ?    ? 
hydrog17 hydrog ?    ? A DA 7  N6 ? ? ? 1_555 B DT  4  O4  ? ? A DA 7  B DT  14 1_555 ? ? ? ? ? ? WATSON-CRICK ?     ?    ? 
hydrog18 hydrog ?    ? A DT 8  N3 ? ? ? 1_555 B DA  3  N1  ? ? A DT 8  B DA  13 1_555 ? ? ? ? ? ? WATSON-CRICK ?     ?    ? 
hydrog19 hydrog ?    ? A DT 8  O4 ? ? ? 1_555 B DA  3  N6  ? ? A DT 8  B DA  13 1_555 ? ? ? ? ? ? WATSON-CRICK ?     ?    ? 
hydrog20 hydrog ?    ? A DC 9  N3 ? ? ? 1_555 B DG  2  N1  ? ? A DC 9  B DG  12 1_555 ? ? ? ? ? ? WATSON-CRICK ?     ?    ? 
hydrog21 hydrog ?    ? A DC 9  N4 ? ? ? 1_555 B DG  2  O6  ? ? A DC 9  B DG  12 1_555 ? ? ? ? ? ? WATSON-CRICK ?     ?    ? 
hydrog22 hydrog ?    ? A DC 9  O2 ? ? ? 1_555 B DG  2  N2  ? ? A DC 9  B DG  12 1_555 ? ? ? ? ? ? WATSON-CRICK ?     ?    ? 
hydrog23 hydrog ?    ? A DT 10 N3 ? ? ? 1_555 B DA  1  N1  ? ? A DT 10 B DA  11 1_555 ? ? ? ? ? ? WATSON-CRICK ?     ?    ? 
hydrog24 hydrog ?    ? A DT 10 O4 ? ? ? 1_555 B DA  1  N6  ? ? A DT 10 B DA  11 1_555 ? ? ? ? ? ? WATSON-CRICK ?     ?    ? 
# 
loop_
_struct_conn_type.id 
_struct_conn_type.criteria 
_struct_conn_type.reference 
covale ? ? 
hydrog ? ? 
# 
loop_
_pdbx_validate_rmsd_angle.id 
_pdbx_validate_rmsd_angle.PDB_model_num 
_pdbx_validate_rmsd_angle.auth_atom_id_1 
_pdbx_validate_rmsd_angle.auth_asym_id_1 
_pdbx_validate_rmsd_angle.auth_comp_id_1 
_pdbx_validate_rmsd_angle.auth_seq_id_1 
_pdbx_validate_rmsd_angle.PDB_ins_code_1 
_pdbx_validate_rmsd_angle.label_alt_id_1 
_pdbx_validate_rmsd_angle.auth_atom_id_2 
_pdbx_validate_rmsd_angle.auth_asym_id_2 
_pdbx_validate_rmsd_angle.auth_comp_id_2 
_pdbx_validate_rmsd_angle.auth_seq_id_2 
_pdbx_validate_rmsd_angle.PDB_ins_code_2 
_pdbx_validate_rmsd_angle.label_alt_id_2 
_pdbx_validate_rmsd_angle.auth_atom_id_3 
_pdbx_validate_rmsd_angle.auth_asym_id_3 
_pdbx_validate_rmsd_angle.auth_comp_id_3 
_pdbx_validate_rmsd_angle.auth_seq_id_3 
_pdbx_validate_rmsd_angle.PDB_ins_code_3 
_pdbx_validate_rmsd_angle.label_alt_id_3 
_pdbx_validate_rmsd_angle.angle_value 
_pdbx_validate_rmsd_angle.angle_target_value 
_pdbx_validate_rmsd_angle.angle_deviation 
_pdbx_validate_rmsd_angle.angle_standard_deviation 
_pdbx_validate_rmsd_angle.linker_flag 
1  1 C5    A DA 1  ? ? C6    A DA 1  ? ? N1 A DA 1  ? ? 120.88 117.70 3.18  0.50 N 
2  1 N1    A DA 1  ? ? C6    A DA 1  ? ? N6 A DA 1  ? ? 114.24 118.60 -4.36 0.60 N 
3  1 "O4'" A DC 2  ? ? "C1'" A DC 2  ? ? N1 A DC 2  ? ? 111.76 108.30 3.46  0.30 N 
4  1 N3    A DC 2  ? ? C2    A DC 2  ? ? O2 A DC 2  ? ? 117.26 121.90 -4.64 0.70 N 
5  1 N1    A DA 3  ? ? C6    A DA 3  ? ? N6 A DA 3  ? ? 114.60 118.60 -4.00 0.60 N 
6  1 "O4'" A DT 4  ? ? "C1'" A DT 4  ? ? N1 A DT 4  ? ? 112.82 108.30 4.52  0.30 N 
7  1 C6    A DT 4  ? ? C5    A DT 4  ? ? C7 A DT 4  ? ? 118.80 122.90 -4.10 0.60 N 
8  1 "O4'" A DC 5  ? ? "C1'" A DC 5  ? ? N1 A DC 5  ? ? 111.17 108.30 2.87  0.30 N 
9  1 C5    A DA 7  ? ? C6    A DA 7  ? ? N1 A DA 7  ? ? 121.07 117.70 3.37  0.50 N 
10 1 N1    A DA 7  ? ? C6    A DA 7  ? ? N6 A DA 7  ? ? 114.09 118.60 -4.51 0.60 N 
11 1 C6    A DT 8  ? ? C5    A DT 8  ? ? C7 A DT 8  ? ? 119.16 122.90 -3.74 0.60 N 
12 1 N3    A DC 9  ? ? C2    A DC 9  ? ? O2 A DC 9  ? ? 117.50 121.90 -4.40 0.70 N 
13 1 "O4'" A DT 10 ? ? "C1'" A DT 10 ? ? N1 A DT 10 ? ? 110.67 108.30 2.37  0.30 N 
14 1 C6    A DT 10 ? ? C5    A DT 10 ? ? C7 A DT 10 ? ? 117.83 122.90 -5.07 0.60 N 
15 1 C4    B DA 11 ? ? C5    B DA 11 ? ? C6 B DA 11 ? ? 113.99 117.00 -3.01 0.50 N 
16 1 N1    B DA 11 ? ? C6    B DA 11 ? ? N6 B DA 11 ? ? 114.68 118.60 -3.92 0.60 N 
17 1 "O4'" B DG 12 ? ? "C1'" B DG 12 ? ? N9 B DG 12 ? ? 111.96 108.30 3.66  0.30 N 
18 1 C5    B DA 13 ? ? C6    B DA 13 ? ? N1 B DA 13 ? ? 121.06 117.70 3.36  0.50 N 
19 1 "O4'" B DT 14 ? ? "C1'" B DT 14 ? ? N1 B DT 14 ? ? 110.61 108.30 2.31  0.30 N 
20 1 C6    B DT 14 ? ? C5    B DT 14 ? ? C7 B DT 14 ? ? 118.72 122.90 -4.18 0.60 N 
21 1 "O4'" B DC 15 ? ? "C1'" B DC 15 ? ? N1 B DC 15 ? ? 111.41 108.30 3.11  0.30 N 
22 1 N1    B DC 15 ? ? C2    B DC 15 ? ? O2 B DC 15 ? ? 122.57 118.90 3.67  0.60 N 
23 1 N3    B DC 15 ? ? C2    B DC 15 ? ? O2 B DC 15 ? ? 117.30 121.90 -4.60 0.70 N 
24 1 N1    B DG 16 ? ? C6    B DG 16 ? ? O6 B DG 16 ? ? 115.63 119.90 -4.27 0.60 N 
25 1 N1    B DA 17 ? ? C6    B DA 17 ? ? N6 B DA 17 ? ? 113.73 118.60 -4.87 0.60 N 
26 1 "O4'" B DT 18 ? ? "C1'" B DT 18 ? ? N1 B DT 18 ? ? 110.13 108.30 1.83  0.30 N 
27 1 C6    B DT 18 ? ? C5    B DT 18 ? ? C7 B DT 18 ? ? 119.10 122.90 -3.80 0.60 N 
28 1 "O4'" B DT 20 ? ? "C1'" B DT 20 ? ? N1 B DT 20 ? ? 113.68 108.30 5.38  0.30 N 
29 1 C6    B DT 20 ? ? C5    B DT 20 ? ? C7 B DT 20 ? ? 117.34 122.90 -5.56 0.60 N 
# 
loop_
_pdbx_validate_planes.id 
_pdbx_validate_planes.PDB_model_num 
_pdbx_validate_planes.auth_comp_id 
_pdbx_validate_planes.auth_asym_id 
_pdbx_validate_planes.auth_seq_id 
_pdbx_validate_planes.PDB_ins_code 
_pdbx_validate_planes.label_alt_id 
_pdbx_validate_planes.rmsd 
_pdbx_validate_planes.type 
1 1 DG A 6  ? ? 0.154 'SIDE CHAIN' 
2 1 DC A 9  ? ? 0.056 'SIDE CHAIN' 
3 1 DG B 12 ? ? 0.101 'SIDE CHAIN' 
4 1 DA B 13 ? ? 0.097 'SIDE CHAIN' 
5 1 DG B 19 ? ? 0.068 'SIDE CHAIN' 
# 
_pdbx_nmr_ensemble.entry_id                             1MKL 
_pdbx_nmr_ensemble.conformers_calculated_total_number   ? 
_pdbx_nmr_ensemble.conformers_submitted_total_number    1 
_pdbx_nmr_ensemble.conformer_selection_criteria         ? 
# 
_pdbx_nmr_representative.entry_id             1MKL 
_pdbx_nmr_representative.conformer_id         1 
_pdbx_nmr_representative.selection_criteria   
;simulated annealing structure, calculaed starting from energy minmized averaged structure from 20 final structures. the enrgy minimized structure was solvated, and md simulation annealing was performed in presence of counter ions
;
# 
loop_
_pdbx_nmr_sample_details.solvent_system 
_pdbx_nmr_sample_details.solution_id 
_pdbx_nmr_sample_details.contents 
'99.999% D2O'     1 ? 
'90% H2O/10% D2O' 2 ? 
# 
loop_
_pdbx_nmr_exptl_sample_conditions.conditions_id 
_pdbx_nmr_exptl_sample_conditions.temperature 
_pdbx_nmr_exptl_sample_conditions.pressure 
_pdbx_nmr_exptl_sample_conditions.pH 
_pdbx_nmr_exptl_sample_conditions.ionic_strength 
_pdbx_nmr_exptl_sample_conditions.pressure_units 
_pdbx_nmr_exptl_sample_conditions.temperature_units 
1 283 1 7.2 '0.5 mL of 0.01 M sodium phosphate buffer containing 0.1 M NaCl and 0.05 mM Na2EDTA at pD 7.2, in 99.999% D2O' atm K 
2 283 1 7.2 '0.5 mL of 0.01 M sodium phosphate buffer containing 0.1 M NaCl and 0.05 mM Na2EDTA at pH 7.2, in 9:1 H2O:D2O' atm K 
# 
loop_
_pdbx_nmr_exptl.experiment_id 
_pdbx_nmr_exptl.solution_id 
_pdbx_nmr_exptl.conditions_id 
_pdbx_nmr_exptl.type 
1 1 1 '2D NOESY' 
2 1 1 DQF-COSY   
# 
_pdbx_nmr_refine.entry_id           1MKL 
_pdbx_nmr_refine.method             
;Data was processed using felix 97. The NOE intensities were converted to distance using RANMARDI module of MARDIGRAS. Starting structures were built using InsightII. XPLOR was used for structural refinement. Final averaged structure was solvated using AMBER. And MD simulated annealing was performed in presence of counter ions using SANDER protocol. The back calculations were performed using CORMA.
;
_pdbx_nmr_refine.details            
;The structures are based on 341 distance retraints, 38 empirical H-bond restraints, 17 sugar pucker restraints, and 89 empirical torsion angle restraints
;
_pdbx_nmr_refine.software_ordinal   1 
# 
loop_
_pdbx_nmr_software.name 
_pdbx_nmr_software.version 
_pdbx_nmr_software.classification 
_pdbx_nmr_software.authors 
_pdbx_nmr_software.ordinal 
XwinNMR   3.0   collection                    Bruker 1 
Felix     97    processing                    'Accelrys Inc.' 2 
MARDIGRAS 5.2   'data analysis'               
;Borgias, B. A., and James, T. L. (1990) MARDIGRAS- -a procedure for matrix analysis of relaxation for discerning geometry of an aqueous structure. J. Magn. Reson. 87, 475-487
;
3 
X-PLOR    3.851 refinement                    A.T.Brunger 4 
CORMA     5.2   'iterative matrix relaxation' 'Keepers, J. W., and James, T. L. (1984)J. Magn. Reson. 87, 475-487.' 5 
Amber     6.0   'structure solution'          
'Case, D. A., and Pearlman C. A., et al. (1999) Amber 6.0, University of California, San Francisco, CA.' 6 
# 
loop_
_chem_comp_atom.comp_id 
_chem_comp_atom.atom_id 
_chem_comp_atom.type_symbol 
_chem_comp_atom.pdbx_aromatic_flag 
_chem_comp_atom.pdbx_stereo_config 
_chem_comp_atom.pdbx_ordinal 
AFN C8A    C N N 1   
AFN C9     C N R 2   
AFN O9     O N N 3   
AFN C9A    C N R 4   
AFN C9B    C Y N 5   
AFN O7     O N N 6   
AFN C6A    C N R 7   
AFN O6A    O N N 8   
AFN C5A    C Y N 9   
AFN C5B    C Y N 10  
AFN C4B    C Y N 11  
AFN O4     O N N 12  
AFN CM     C N N 13  
AFN C4A    C Y N 14  
AFN C10    C Y N 15  
AFN O10    O Y N 16  
AFN C11    C Y N 17  
AFN O11    O N N 18  
AFN C12    C Y N 19  
AFN C3A    C Y N 20  
AFN C3     C N N 21  
AFN C2A    C N N 22  
AFN C1     C N N 23  
AFN O1     O N N 24  
AFN H8A2   H N N 25  
AFN H8A    H N N 26  
AFN H9     H N N 27  
AFN HO9    H N N 28  
AFN H9A    H N N 29  
AFN H6A    H N N 30  
AFN H5B    H N N 31  
AFN HM1    H N N 32  
AFN HM2    H N N 33  
AFN HM3    H N N 34  
AFN H31    H N N 35  
AFN H32    H N N 36  
AFN H2A1   H N N 37  
AFN H2A2   H N N 38  
DA  OP3    O N N 39  
DA  P      P N N 40  
DA  OP1    O N N 41  
DA  OP2    O N N 42  
DA  "O5'"  O N N 43  
DA  "C5'"  C N N 44  
DA  "C4'"  C N R 45  
DA  "O4'"  O N N 46  
DA  "C3'"  C N S 47  
DA  "O3'"  O N N 48  
DA  "C2'"  C N N 49  
DA  "C1'"  C N R 50  
DA  N9     N Y N 51  
DA  C8     C Y N 52  
DA  N7     N Y N 53  
DA  C5     C Y N 54  
DA  C6     C Y N 55  
DA  N6     N N N 56  
DA  N1     N Y N 57  
DA  C2     C Y N 58  
DA  N3     N Y N 59  
DA  C4     C Y N 60  
DA  HOP3   H N N 61  
DA  HOP2   H N N 62  
DA  "H5'"  H N N 63  
DA  "H5''" H N N 64  
DA  "H4'"  H N N 65  
DA  "H3'"  H N N 66  
DA  "HO3'" H N N 67  
DA  "H2'"  H N N 68  
DA  "H2''" H N N 69  
DA  "H1'"  H N N 70  
DA  H8     H N N 71  
DA  H61    H N N 72  
DA  H62    H N N 73  
DA  H2     H N N 74  
DC  OP3    O N N 75  
DC  P      P N N 76  
DC  OP1    O N N 77  
DC  OP2    O N N 78  
DC  "O5'"  O N N 79  
DC  "C5'"  C N N 80  
DC  "C4'"  C N R 81  
DC  "O4'"  O N N 82  
DC  "C3'"  C N S 83  
DC  "O3'"  O N N 84  
DC  "C2'"  C N N 85  
DC  "C1'"  C N R 86  
DC  N1     N N N 87  
DC  C2     C N N 88  
DC  O2     O N N 89  
DC  N3     N N N 90  
DC  C4     C N N 91  
DC  N4     N N N 92  
DC  C5     C N N 93  
DC  C6     C N N 94  
DC  HOP3   H N N 95  
DC  HOP2   H N N 96  
DC  "H5'"  H N N 97  
DC  "H5''" H N N 98  
DC  "H4'"  H N N 99  
DC  "H3'"  H N N 100 
DC  "HO3'" H N N 101 
DC  "H2'"  H N N 102 
DC  "H2''" H N N 103 
DC  "H1'"  H N N 104 
DC  H41    H N N 105 
DC  H42    H N N 106 
DC  H5     H N N 107 
DC  H6     H N N 108 
DG  OP3    O N N 109 
DG  P      P N N 110 
DG  OP1    O N N 111 
DG  OP2    O N N 112 
DG  "O5'"  O N N 113 
DG  "C5'"  C N N 114 
DG  "C4'"  C N R 115 
DG  "O4'"  O N N 116 
DG  "C3'"  C N S 117 
DG  "O3'"  O N N 118 
DG  "C2'"  C N N 119 
DG  "C1'"  C N R 120 
DG  N9     N Y N 121 
DG  C8     C Y N 122 
DG  N7     N Y N 123 
DG  C5     C Y N 124 
DG  C6     C N N 125 
DG  O6     O N N 126 
DG  N1     N N N 127 
DG  C2     C N N 128 
DG  N2     N N N 129 
DG  N3     N N N 130 
DG  C4     C Y N 131 
DG  HOP3   H N N 132 
DG  HOP2   H N N 133 
DG  "H5'"  H N N 134 
DG  "H5''" H N N 135 
DG  "H4'"  H N N 136 
DG  "H3'"  H N N 137 
DG  "HO3'" H N N 138 
DG  "H2'"  H N N 139 
DG  "H2''" H N N 140 
DG  "H1'"  H N N 141 
DG  H8     H N N 142 
DG  H1     H N N 143 
DG  H21    H N N 144 
DG  H22    H N N 145 
DT  OP3    O N N 146 
DT  P      P N N 147 
DT  OP1    O N N 148 
DT  OP2    O N N 149 
DT  "O5'"  O N N 150 
DT  "C5'"  C N N 151 
DT  "C4'"  C N R 152 
DT  "O4'"  O N N 153 
DT  "C3'"  C N S 154 
DT  "O3'"  O N N 155 
DT  "C2'"  C N N 156 
DT  "C1'"  C N R 157 
DT  N1     N N N 158 
DT  C2     C N N 159 
DT  O2     O N N 160 
DT  N3     N N N 161 
DT  C4     C N N 162 
DT  O4     O N N 163 
DT  C5     C N N 164 
DT  C7     C N N 165 
DT  C6     C N N 166 
DT  HOP3   H N N 167 
DT  HOP2   H N N 168 
DT  "H5'"  H N N 169 
DT  "H5''" H N N 170 
DT  "H4'"  H N N 171 
DT  "H3'"  H N N 172 
DT  "HO3'" H N N 173 
DT  "H2'"  H N N 174 
DT  "H2''" H N N 175 
DT  "H1'"  H N N 176 
DT  H3     H N N 177 
DT  H71    H N N 178 
DT  H72    H N N 179 
DT  H73    H N N 180 
DT  H6     H N N 181 
# 
loop_
_chem_comp_bond.comp_id 
_chem_comp_bond.atom_id_1 
_chem_comp_bond.atom_id_2 
_chem_comp_bond.value_order 
_chem_comp_bond.pdbx_aromatic_flag 
_chem_comp_bond.pdbx_stereo_config 
_chem_comp_bond.pdbx_ordinal 
AFN C8A   C9     sing N N 1   
AFN C8A   O7     sing N N 2   
AFN C8A   H8A2   sing N N 3   
AFN C8A   H8A    sing N N 4   
AFN C9    O9     sing N N 5   
AFN C9    C9A    sing N N 6   
AFN C9    H9     sing N N 7   
AFN O9    HO9    sing N N 8   
AFN C9A   C9B    sing N N 9   
AFN C9A   C6A    sing N N 10  
AFN C9A   H9A    sing N N 11  
AFN C9B   C5A    doub Y N 12  
AFN C9B   C10    sing Y N 13  
AFN O7    C6A    sing N N 14  
AFN C6A   O6A    sing N N 15  
AFN C6A   H6A    sing N N 16  
AFN O6A   C5A    sing N N 17  
AFN C5A   C5B    sing Y N 18  
AFN C5B   C4B    doub Y N 19  
AFN C5B   H5B    sing N N 20  
AFN C4B   O4     sing N N 21  
AFN C4B   C4A    sing Y N 22  
AFN O4    CM     sing N N 23  
AFN CM    HM1    sing N N 24  
AFN CM    HM2    sing N N 25  
AFN CM    HM3    sing N N 26  
AFN C4A   C10    doub Y N 27  
AFN C4A   C3A    sing Y N 28  
AFN C10   O10    sing Y N 29  
AFN O10   C11    sing Y N 30  
AFN C11   O11    doub N N 31  
AFN C11   C12    sing Y N 32  
AFN C12   C3A    doub Y N 33  
AFN C12   C1     sing N N 34  
AFN C3A   C3     sing N N 35  
AFN C3    C2A    sing N N 36  
AFN C3    H31    sing N N 37  
AFN C3    H32    sing N N 38  
AFN C2A   C1     sing N N 39  
AFN C2A   H2A1   sing N N 40  
AFN C2A   H2A2   sing N N 41  
AFN C1    O1     doub N N 42  
DA  OP3   P      sing N N 43  
DA  OP3   HOP3   sing N N 44  
DA  P     OP1    doub N N 45  
DA  P     OP2    sing N N 46  
DA  P     "O5'"  sing N N 47  
DA  OP2   HOP2   sing N N 48  
DA  "O5'" "C5'"  sing N N 49  
DA  "C5'" "C4'"  sing N N 50  
DA  "C5'" "H5'"  sing N N 51  
DA  "C5'" "H5''" sing N N 52  
DA  "C4'" "O4'"  sing N N 53  
DA  "C4'" "C3'"  sing N N 54  
DA  "C4'" "H4'"  sing N N 55  
DA  "O4'" "C1'"  sing N N 56  
DA  "C3'" "O3'"  sing N N 57  
DA  "C3'" "C2'"  sing N N 58  
DA  "C3'" "H3'"  sing N N 59  
DA  "O3'" "HO3'" sing N N 60  
DA  "C2'" "C1'"  sing N N 61  
DA  "C2'" "H2'"  sing N N 62  
DA  "C2'" "H2''" sing N N 63  
DA  "C1'" N9     sing N N 64  
DA  "C1'" "H1'"  sing N N 65  
DA  N9    C8     sing Y N 66  
DA  N9    C4     sing Y N 67  
DA  C8    N7     doub Y N 68  
DA  C8    H8     sing N N 69  
DA  N7    C5     sing Y N 70  
DA  C5    C6     sing Y N 71  
DA  C5    C4     doub Y N 72  
DA  C6    N6     sing N N 73  
DA  C6    N1     doub Y N 74  
DA  N6    H61    sing N N 75  
DA  N6    H62    sing N N 76  
DA  N1    C2     sing Y N 77  
DA  C2    N3     doub Y N 78  
DA  C2    H2     sing N N 79  
DA  N3    C4     sing Y N 80  
DC  OP3   P      sing N N 81  
DC  OP3   HOP3   sing N N 82  
DC  P     OP1    doub N N 83  
DC  P     OP2    sing N N 84  
DC  P     "O5'"  sing N N 85  
DC  OP2   HOP2   sing N N 86  
DC  "O5'" "C5'"  sing N N 87  
DC  "C5'" "C4'"  sing N N 88  
DC  "C5'" "H5'"  sing N N 89  
DC  "C5'" "H5''" sing N N 90  
DC  "C4'" "O4'"  sing N N 91  
DC  "C4'" "C3'"  sing N N 92  
DC  "C4'" "H4'"  sing N N 93  
DC  "O4'" "C1'"  sing N N 94  
DC  "C3'" "O3'"  sing N N 95  
DC  "C3'" "C2'"  sing N N 96  
DC  "C3'" "H3'"  sing N N 97  
DC  "O3'" "HO3'" sing N N 98  
DC  "C2'" "C1'"  sing N N 99  
DC  "C2'" "H2'"  sing N N 100 
DC  "C2'" "H2''" sing N N 101 
DC  "C1'" N1     sing N N 102 
DC  "C1'" "H1'"  sing N N 103 
DC  N1    C2     sing N N 104 
DC  N1    C6     sing N N 105 
DC  C2    O2     doub N N 106 
DC  C2    N3     sing N N 107 
DC  N3    C4     doub N N 108 
DC  C4    N4     sing N N 109 
DC  C4    C5     sing N N 110 
DC  N4    H41    sing N N 111 
DC  N4    H42    sing N N 112 
DC  C5    C6     doub N N 113 
DC  C5    H5     sing N N 114 
DC  C6    H6     sing N N 115 
DG  OP3   P      sing N N 116 
DG  OP3   HOP3   sing N N 117 
DG  P     OP1    doub N N 118 
DG  P     OP2    sing N N 119 
DG  P     "O5'"  sing N N 120 
DG  OP2   HOP2   sing N N 121 
DG  "O5'" "C5'"  sing N N 122 
DG  "C5'" "C4'"  sing N N 123 
DG  "C5'" "H5'"  sing N N 124 
DG  "C5'" "H5''" sing N N 125 
DG  "C4'" "O4'"  sing N N 126 
DG  "C4'" "C3'"  sing N N 127 
DG  "C4'" "H4'"  sing N N 128 
DG  "O4'" "C1'"  sing N N 129 
DG  "C3'" "O3'"  sing N N 130 
DG  "C3'" "C2'"  sing N N 131 
DG  "C3'" "H3'"  sing N N 132 
DG  "O3'" "HO3'" sing N N 133 
DG  "C2'" "C1'"  sing N N 134 
DG  "C2'" "H2'"  sing N N 135 
DG  "C2'" "H2''" sing N N 136 
DG  "C1'" N9     sing N N 137 
DG  "C1'" "H1'"  sing N N 138 
DG  N9    C8     sing Y N 139 
DG  N9    C4     sing Y N 140 
DG  C8    N7     doub Y N 141 
DG  C8    H8     sing N N 142 
DG  N7    C5     sing Y N 143 
DG  C5    C6     sing N N 144 
DG  C5    C4     doub Y N 145 
DG  C6    O6     doub N N 146 
DG  C6    N1     sing N N 147 
DG  N1    C2     sing N N 148 
DG  N1    H1     sing N N 149 
DG  C2    N2     sing N N 150 
DG  C2    N3     doub N N 151 
DG  N2    H21    sing N N 152 
DG  N2    H22    sing N N 153 
DG  N3    C4     sing N N 154 
DT  OP3   P      sing N N 155 
DT  OP3   HOP3   sing N N 156 
DT  P     OP1    doub N N 157 
DT  P     OP2    sing N N 158 
DT  P     "O5'"  sing N N 159 
DT  OP2   HOP2   sing N N 160 
DT  "O5'" "C5'"  sing N N 161 
DT  "C5'" "C4'"  sing N N 162 
DT  "C5'" "H5'"  sing N N 163 
DT  "C5'" "H5''" sing N N 164 
DT  "C4'" "O4'"  sing N N 165 
DT  "C4'" "C3'"  sing N N 166 
DT  "C4'" "H4'"  sing N N 167 
DT  "O4'" "C1'"  sing N N 168 
DT  "C3'" "O3'"  sing N N 169 
DT  "C3'" "C2'"  sing N N 170 
DT  "C3'" "H3'"  sing N N 171 
DT  "O3'" "HO3'" sing N N 172 
DT  "C2'" "C1'"  sing N N 173 
DT  "C2'" "H2'"  sing N N 174 
DT  "C2'" "H2''" sing N N 175 
DT  "C1'" N1     sing N N 176 
DT  "C1'" "H1'"  sing N N 177 
DT  N1    C2     sing N N 178 
DT  N1    C6     sing N N 179 
DT  C2    O2     doub N N 180 
DT  C2    N3     sing N N 181 
DT  N3    C4     sing N N 182 
DT  N3    H3     sing N N 183 
DT  C4    O4     doub N N 184 
DT  C4    C5     sing N N 185 
DT  C5    C7     sing N N 186 
DT  C5    C6     doub N N 187 
DT  C7    H71    sing N N 188 
DT  C7    H72    sing N N 189 
DT  C7    H73    sing N N 190 
DT  C6    H6     sing N N 191 
# 
loop_
_ndb_struct_conf_na.entry_id 
_ndb_struct_conf_na.feature 
1MKL 'double helix'        
1MKL 'b-form double helix' 
# 
loop_
_ndb_struct_na_base_pair.model_number 
_ndb_struct_na_base_pair.i_label_asym_id 
_ndb_struct_na_base_pair.i_label_comp_id 
_ndb_struct_na_base_pair.i_label_seq_id 
_ndb_struct_na_base_pair.i_symmetry 
_ndb_struct_na_base_pair.j_label_asym_id 
_ndb_struct_na_base_pair.j_label_comp_id 
_ndb_struct_na_base_pair.j_label_seq_id 
_ndb_struct_na_base_pair.j_symmetry 
_ndb_struct_na_base_pair.shear 
_ndb_struct_na_base_pair.stretch 
_ndb_struct_na_base_pair.stagger 
_ndb_struct_na_base_pair.buckle 
_ndb_struct_na_base_pair.propeller 
_ndb_struct_na_base_pair.opening 
_ndb_struct_na_base_pair.pair_number 
_ndb_struct_na_base_pair.pair_name 
_ndb_struct_na_base_pair.i_auth_asym_id 
_ndb_struct_na_base_pair.i_auth_seq_id 
_ndb_struct_na_base_pair.i_PDB_ins_code 
_ndb_struct_na_base_pair.j_auth_asym_id 
_ndb_struct_na_base_pair.j_auth_seq_id 
_ndb_struct_na_base_pair.j_PDB_ins_code 
_ndb_struct_na_base_pair.hbond_type_28 
_ndb_struct_na_base_pair.hbond_type_12 
1 A DA 1  1_555 B DT 10 1_555 0.221  0.173  -0.070 13.670  -8.396  -3.303 1  A_DA1:DT20_B  A 1  ? B 20 ? 20 1 
1 A DC 2  1_555 B DG 9  1_555 0.175  -0.158 -0.344 9.156   -13.718 -0.818 2  A_DC2:DG19_B  A 2  ? B 19 ? 19 1 
1 A DA 3  1_555 B DT 8  1_555 0.144  -0.025 0.165  -4.112  11.597  0.159  3  A_DA3:DT18_B  A 3  ? B 18 ? 20 1 
1 A DT 4  1_555 B DA 7  1_555 -0.567 0.093  -0.074 19.876  8.578   -2.894 4  A_DT4:DA17_B  A 4  ? B 17 ? 20 1 
1 A DC 5  1_555 B DG 6  1_555 0.322  -0.068 0.013  13.795  -0.113  1.392  5  A_DC5:DG16_B  A 5  ? B 16 ? 19 1 
1 A DG 6  1_555 B DC 5  1_555 -0.211 -0.022 0.003  -26.692 -8.655  -4.198 6  A_DG6:DC15_B  A 6  ? B 15 ? 19 1 
1 A DA 7  1_555 B DT 4  1_555 0.473  0.029  0.218  -6.472  -6.126  -4.933 7  A_DA7:DT14_B  A 7  ? B 14 ? 20 1 
1 A DT 8  1_555 B DA 3  1_555 -0.081 -0.052 0.308  -9.857  -1.276  -6.875 8  A_DT8:DA13_B  A 8  ? B 13 ? 20 1 
1 A DC 9  1_555 B DG 2  1_555 -0.030 -0.113 0.033  -7.165  10.383  -1.363 9  A_DC9:DG12_B  A 9  ? B 12 ? 19 1 
1 A DT 10 1_555 B DA 1  1_555 0.021  -0.138 0.533  -10.989 1.193   0.369  10 A_DT10:DA11_B A 10 ? B 11 ? 20 1 
# 
loop_
_ndb_struct_na_base_pair_step.model_number 
_ndb_struct_na_base_pair_step.i_label_asym_id_1 
_ndb_struct_na_base_pair_step.i_label_comp_id_1 
_ndb_struct_na_base_pair_step.i_label_seq_id_1 
_ndb_struct_na_base_pair_step.i_symmetry_1 
_ndb_struct_na_base_pair_step.j_label_asym_id_1 
_ndb_struct_na_base_pair_step.j_label_comp_id_1 
_ndb_struct_na_base_pair_step.j_label_seq_id_1 
_ndb_struct_na_base_pair_step.j_symmetry_1 
_ndb_struct_na_base_pair_step.i_label_asym_id_2 
_ndb_struct_na_base_pair_step.i_label_comp_id_2 
_ndb_struct_na_base_pair_step.i_label_seq_id_2 
_ndb_struct_na_base_pair_step.i_symmetry_2 
_ndb_struct_na_base_pair_step.j_label_asym_id_2 
_ndb_struct_na_base_pair_step.j_label_comp_id_2 
_ndb_struct_na_base_pair_step.j_label_seq_id_2 
_ndb_struct_na_base_pair_step.j_symmetry_2 
_ndb_struct_na_base_pair_step.shift 
_ndb_struct_na_base_pair_step.slide 
_ndb_struct_na_base_pair_step.rise 
_ndb_struct_na_base_pair_step.tilt 
_ndb_struct_na_base_pair_step.roll 
_ndb_struct_na_base_pair_step.twist 
_ndb_struct_na_base_pair_step.x_displacement 
_ndb_struct_na_base_pair_step.y_displacement 
_ndb_struct_na_base_pair_step.helical_rise 
_ndb_struct_na_base_pair_step.inclination 
_ndb_struct_na_base_pair_step.tip 
_ndb_struct_na_base_pair_step.helical_twist 
_ndb_struct_na_base_pair_step.step_number 
_ndb_struct_na_base_pair_step.step_name 
_ndb_struct_na_base_pair_step.i_auth_asym_id_1 
_ndb_struct_na_base_pair_step.i_auth_seq_id_1 
_ndb_struct_na_base_pair_step.i_PDB_ins_code_1 
_ndb_struct_na_base_pair_step.j_auth_asym_id_1 
_ndb_struct_na_base_pair_step.j_auth_seq_id_1 
_ndb_struct_na_base_pair_step.j_PDB_ins_code_1 
_ndb_struct_na_base_pair_step.i_auth_asym_id_2 
_ndb_struct_na_base_pair_step.i_auth_seq_id_2 
_ndb_struct_na_base_pair_step.i_PDB_ins_code_2 
_ndb_struct_na_base_pair_step.j_auth_asym_id_2 
_ndb_struct_na_base_pair_step.j_auth_seq_id_2 
_ndb_struct_na_base_pair_step.j_PDB_ins_code_2 
1 A DA 1 1_555 B DT 10 1_555 A DC 2  1_555 B DG 9 1_555 -0.263 -1.095 3.550 1.231  -5.714 31.107 -0.832 0.736  3.675 -10.539 
-2.271 31.638 1 AA_DA1DC2:DG19DT20_BB  A 1 ? B 20 ? A 2  ? B 19 ? 
1 A DC 2 1_555 B DG 9  1_555 A DA 3  1_555 B DT 8 1_555 -0.579 -0.570 3.541 -6.471 10.755 40.053 -2.007 0.083  3.337 15.255  9.179 
41.896 2 AA_DC2DA3:DT18DG19_BB  A 2 ? B 19 ? A 3  ? B 18 ? 
1 A DA 3 1_555 B DT 8  1_555 A DT 4  1_555 B DA 7 1_555 0.061  -0.686 2.981 1.066  3.646  18.756 -3.722 0.301  2.797 11.041  
-3.228 19.133 3 AA_DA3DT4:DA17DT18_BB  A 3 ? B 18 ? A 4  ? B 17 ? 
1 A DT 4 1_555 B DA 7  1_555 A DC 5  1_555 B DG 6 1_555 0.029  -0.474 3.583 -1.830 5.166  32.656 -1.777 -0.386 3.463 9.108   3.226 
33.100 4 AA_DT4DC5:DG16DA17_BB  A 4 ? B 17 ? A 5  ? B 16 ? 
1 A DC 5 1_555 B DG 6  1_555 A DG 6  1_555 B DC 5 1_555 0.486  -0.517 7.410 3.293  14.274 23.538 -8.843 0.774  6.115 31.394  
-7.243 27.669 5 AA_DC5DG6:DC15DG16_BB  A 5 ? B 16 ? A 6  ? B 15 ? 
1 A DG 6 1_555 B DC 5  1_555 A DA 7  1_555 B DT 4 1_555 -1.106 -0.875 2.861 -2.129 -2.613 29.969 -1.203 1.737  2.994 -5.033  4.100 
30.154 6 AA_DG6DA7:DT14DC15_BB  A 6 ? B 15 ? A 7  ? B 14 ? 
1 A DA 7 1_555 B DT 4  1_555 A DT 8  1_555 B DA 3 1_555 -0.049 -1.225 3.466 1.226  -0.866 28.405 -2.281 0.398  3.496 -1.763  
-2.497 28.444 7 AA_DA7DT8:DA13DT14_BB  A 7 ? B 14 ? A 8  ? B 13 ? 
1 A DT 8 1_555 B DA 3  1_555 A DC 9  1_555 B DG 2 1_555 0.620  -0.733 3.671 -1.846 2.889  36.832 -1.586 -1.253 3.571 4.559   2.914 
36.986 8 AA_DT8DC9:DG12DA13_BB  A 8 ? B 13 ? A 9  ? B 12 ? 
1 A DC 9 1_555 B DG 2  1_555 A DT 10 1_555 B DA 1 1_555 0.248  -0.680 3.719 0.885  3.937  25.758 -2.716 -0.278 3.583 8.762   
-1.971 26.067 9 AA_DC9DT10:DA11DG12_BB A 9 ? B 12 ? A 10 ? B 11 ? 
# 
loop_
_pdbx_nmr_spectrometer.spectrometer_id 
_pdbx_nmr_spectrometer.type 
_pdbx_nmr_spectrometer.manufacturer 
_pdbx_nmr_spectrometer.model 
_pdbx_nmr_spectrometer.field_strength 
1 ? Bruker DRX 500 
2 ? Bruker DRX 600 
# 
_atom_sites.entry_id                    1MKL 
_atom_sites.fract_transf_matrix[1][1]   1.000000 
_atom_sites.fract_transf_matrix[1][2]   0.000000 
_atom_sites.fract_transf_matrix[1][3]   0.000000 
_atom_sites.fract_transf_matrix[2][1]   0.000000 
_atom_sites.fract_transf_matrix[2][2]   1.000000 
_atom_sites.fract_transf_matrix[2][3]   0.000000 
_atom_sites.fract_transf_matrix[3][1]   0.000000 
_atom_sites.fract_transf_matrix[3][2]   0.000000 
_atom_sites.fract_transf_matrix[3][3]   1.000000 
_atom_sites.fract_transf_vector[1]      0.00000 
_atom_sites.fract_transf_vector[2]      0.00000 
_atom_sites.fract_transf_vector[3]      0.00000 
# 
loop_
_atom_type.symbol 
C 
H 
N 
O 
P 
# 
loop_
_atom_site.group_PDB 
_atom_site.id 
_atom_site.type_symbol 
_atom_site.label_atom_id 
_atom_site.label_alt_id 
_atom_site.label_comp_id 
_atom_site.label_asym_id 
_atom_site.label_entity_id 
_atom_site.label_seq_id 
_atom_site.pdbx_PDB_ins_code 
_atom_site.Cartn_x 
_atom_site.Cartn_y 
_atom_site.Cartn_z 
_atom_site.occupancy 
_atom_site.B_iso_or_equiv 
_atom_site.pdbx_formal_charge 
_atom_site.auth_seq_id 
_atom_site.auth_comp_id 
_atom_site.auth_asym_id 
_atom_site.auth_atom_id 
_atom_site.pdbx_PDB_model_num 
ATOM   1   O "O5'"  . DA  A 1 1  ? -13.319 -3.271  8.738   1.00 0.00 ? 1  DA  A "O5'"  1 
ATOM   2   C "C5'"  . DA  A 1 1  ? -13.595 -4.128  9.840   1.00 0.00 ? 1  DA  A "C5'"  1 
ATOM   3   C "C4'"  . DA  A 1 1  ? -12.973 -5.535  9.704   1.00 0.00 ? 1  DA  A "C4'"  1 
ATOM   4   O "O4'"  . DA  A 1 1  ? -13.556 -6.249  8.615   1.00 0.00 ? 1  DA  A "O4'"  1 
ATOM   5   C "C3'"  . DA  A 1 1  ? -11.458 -5.492  9.474   1.00 0.00 ? 1  DA  A "C3'"  1 
ATOM   6   O "O3'"  . DA  A 1 1  ? -10.815 -6.502  10.236  1.00 0.00 ? 1  DA  A "O3'"  1 
ATOM   7   C "C2'"  . DA  A 1 1  ? -11.374 -5.752  7.976   1.00 0.00 ? 1  DA  A "C2'"  1 
ATOM   8   C "C1'"  . DA  A 1 1  ? -12.533 -6.720  7.746   1.00 0.00 ? 1  DA  A "C1'"  1 
ATOM   9   N N9     . DA  A 1 1  ? -13.022 -6.665  6.344   1.00 0.00 ? 1  DA  A N9     1 
ATOM   10  C C8     . DA  A 1 1  ? -13.640 -5.597  5.742   1.00 0.00 ? 1  DA  A C8     1 
ATOM   11  N N7     . DA  A 1 1  ? -14.009 -5.810  4.507   1.00 0.00 ? 1  DA  A N7     1 
ATOM   12  C C5     . DA  A 1 1  ? -13.596 -7.127  4.267   1.00 0.00 ? 1  DA  A C5     1 
ATOM   13  C C6     . DA  A 1 1  ? -13.675 -8.004  3.153   1.00 0.00 ? 1  DA  A C6     1 
ATOM   14  N N6     . DA  A 1 1  ? -14.272 -7.719  2.005   1.00 0.00 ? 1  DA  A N6     1 
ATOM   15  N N1     . DA  A 1 1  ? -13.157 -9.237  3.212   1.00 0.00 ? 1  DA  A N1     1 
ATOM   16  C C2     . DA  A 1 1  ? -12.583 -9.608  4.353   1.00 0.00 ? 1  DA  A C2     1 
ATOM   17  N N3     . DA  A 1 1  ? -12.448 -8.905  5.478   1.00 0.00 ? 1  DA  A N3     1 
ATOM   18  C C4     . DA  A 1 1  ? -12.978 -7.652  5.375   1.00 0.00 ? 1  DA  A C4     1 
ATOM   19  H "H5'"  . DA  A 1 1  ? -14.675 -4.231  9.944   1.00 0.00 ? 1  DA  A "H5'"  1 
ATOM   20  H "H5''" . DA  A 1 1  ? -13.212 -3.665  10.751  1.00 0.00 ? 1  DA  A "H5''" 1 
ATOM   21  H "H4'"  . DA  A 1 1  ? -13.166 -6.082  10.629  1.00 0.00 ? 1  DA  A "H4'"  1 
ATOM   22  H "H3'"  . DA  A 1 1  ? -11.048 -4.513  9.730   1.00 0.00 ? 1  DA  A "H3'"  1 
ATOM   23  H "H2'"  . DA  A 1 1  ? -11.545 -4.819  7.440   1.00 0.00 ? 1  DA  A "H2'"  1 
ATOM   24  H "H2''" . DA  A 1 1  ? -10.419 -6.184  7.699   1.00 0.00 ? 1  DA  A "H2''" 1 
ATOM   25  H "H1'"  . DA  A 1 1  ? -12.231 -7.734  8.024   1.00 0.00 ? 1  DA  A "H1'"  1 
ATOM   26  H H8     . DA  A 1 1  ? -13.807 -4.668  6.275   1.00 0.00 ? 1  DA  A H8     1 
ATOM   27  H H61    . DA  A 1 1  ? -14.211 -8.393  1.244   1.00 0.00 ? 1  DA  A H61    1 
ATOM   28  H H62    . DA  A 1 1  ? -14.771 -6.850  1.923   1.00 0.00 ? 1  DA  A H62    1 
ATOM   29  H H2     . DA  A 1 1  ? -12.182 -10.612 4.364   1.00 0.00 ? 1  DA  A H2     1 
ATOM   30  H "HO5'" . DA  A 1 1  ? -12.533 -2.749  8.925   1.00 0.00 ? 1  DA  A "HO5'" 1 
ATOM   31  P P      . DC  A 1 2  ? -9.203  -6.562  10.389  1.00 0.00 ? 2  DC  A P      1 
ATOM   32  O OP1    . DC  A 1 2  ? -8.883  -7.046  11.749  1.00 0.00 ? 2  DC  A OP1    1 
ATOM   33  O OP2    . DC  A 1 2  ? -8.657  -5.271  9.916   1.00 0.00 ? 2  DC  A OP2    1 
ATOM   34  O "O5'"  . DC  A 1 2  ? -8.761  -7.681  9.318   1.00 0.00 ? 2  DC  A "O5'"  1 
ATOM   35  C "C5'"  . DC  A 1 2  ? -8.999  -9.071  9.499   1.00 0.00 ? 2  DC  A "C5'"  1 
ATOM   36  C "C4'"  . DC  A 1 2  ? -8.480  -9.876  8.290   1.00 0.00 ? 2  DC  A "C4'"  1 
ATOM   37  O "O4'"  . DC  A 1 2  ? -9.226  -9.523  7.125   1.00 0.00 ? 2  DC  A "O4'"  1 
ATOM   38  C "C3'"  . DC  A 1 2  ? -6.999  -9.615  7.965   1.00 0.00 ? 2  DC  A "C3'"  1 
ATOM   39  O "O3'"  . DC  A 1 2  ? -6.389  -10.810 7.486   1.00 0.00 ? 2  DC  A "O3'"  1 
ATOM   40  C "C2'"  . DC  A 1 2  ? -7.111  -8.598  6.836   1.00 0.00 ? 2  DC  A "C2'"  1 
ATOM   41  C "C1'"  . DC  A 1 2  ? -8.302  -9.213  6.096   1.00 0.00 ? 2  DC  A "C1'"  1 
ATOM   42  N N1     . DC  A 1 2  ? -8.920  -8.366  5.034   1.00 0.00 ? 2  DC  A N1     1 
ATOM   43  C C2     . DC  A 1 2  ? -9.181  -8.939  3.780   1.00 0.00 ? 2  DC  A C2     1 
ATOM   44  O O2     . DC  A 1 2  ? -8.895  -10.105 3.514   1.00 0.00 ? 2  DC  A O2     1 
ATOM   45  N N3     . DC  A 1 2  ? -9.735  -8.194  2.789   1.00 0.00 ? 2  DC  A N3     1 
ATOM   46  C C4     . DC  A 1 2  ? -10.011 -6.924  3.018   1.00 0.00 ? 2  DC  A C4     1 
ATOM   47  N N4     . DC  A 1 2  ? -10.430 -6.236  1.985   1.00 0.00 ? 2  DC  A N4     1 
ATOM   48  C C5     . DC  A 1 2  ? -9.756  -6.281  4.265   1.00 0.00 ? 2  DC  A C5     1 
ATOM   49  C C6     . DC  A 1 2  ? -9.201  -7.038  5.248   1.00 0.00 ? 2  DC  A C6     1 
ATOM   50  H "H5'"  . DC  A 1 2  ? -10.069 -9.246  9.611   1.00 0.00 ? 2  DC  A "H5'"  1 
ATOM   51  H "H5''" . DC  A 1 2  ? -8.495  -9.418  10.405  1.00 0.00 ? 2  DC  A "H5''" 1 
ATOM   52  H "H4'"  . DC  A 1 2  ? -8.605  -10.940 8.496   1.00 0.00 ? 2  DC  A "H4'"  1 
ATOM   53  H "H3'"  . DC  A 1 2  ? -6.463  -9.218  8.830   1.00 0.00 ? 2  DC  A "H3'"  1 
ATOM   54  H "H2'"  . DC  A 1 2  ? -7.344  -7.619  7.252   1.00 0.00 ? 2  DC  A "H2'"  1 
ATOM   55  H "H2''" . DC  A 1 2  ? -6.210  -8.552  6.228   1.00 0.00 ? 2  DC  A "H2''" 1 
ATOM   56  H "H1'"  . DC  A 1 2  ? -7.957  -10.153 5.652   1.00 0.00 ? 2  DC  A "H1'"  1 
ATOM   57  H H41    . DC  A 1 2  ? -10.576 -6.747  1.108   1.00 0.00 ? 2  DC  A H41    1 
ATOM   58  H H42    . DC  A 1 2  ? -10.562 -5.246  2.038   1.00 0.00 ? 2  DC  A H42    1 
ATOM   59  H H5     . DC  A 1 2  ? -9.977  -5.240  4.440   1.00 0.00 ? 2  DC  A H5     1 
ATOM   60  H H6     . DC  A 1 2  ? -8.967  -6.602  6.210   1.00 0.00 ? 2  DC  A H6     1 
ATOM   61  P P      . DA  A 1 3  ? -4.787  -11.025 7.507   1.00 0.00 ? 3  DA  A P      1 
ATOM   62  O OP1    . DA  A 1 3  ? -4.516  -12.222 8.329   1.00 0.00 ? 3  DA  A OP1    1 
ATOM   63  O OP2    . DA  A 1 3  ? -4.145  -9.738  7.842   1.00 0.00 ? 3  DA  A OP2    1 
ATOM   64  O "O5'"  . DA  A 1 3  ? -4.402  -11.365 5.975   1.00 0.00 ? 3  DA  A "O5'"  1 
ATOM   65  C "C5'"  . DA  A 1 3  ? -4.588  -12.671 5.450   1.00 0.00 ? 3  DA  A "C5'"  1 
ATOM   66  C "C4'"  . DA  A 1 3  ? -4.012  -12.881 4.040   1.00 0.00 ? 3  DA  A "C4'"  1 
ATOM   67  O "O4'"  . DA  A 1 3  ? -4.773  -12.175 3.069   1.00 0.00 ? 3  DA  A "O4'"  1 
ATOM   68  C "C3'"  . DA  A 1 3  ? -2.553  -12.459 3.860   1.00 0.00 ? 3  DA  A "C3'"  1 
ATOM   69  O "O3'"  . DA  A 1 3  ? -2.031  -13.357 2.890   1.00 0.00 ? 3  DA  A "O3'"  1 
ATOM   70  C "C2'"  . DA  A 1 3  ? -2.708  -11.030 3.341   1.00 0.00 ? 3  DA  A "C2'"  1 
ATOM   71  C "C1'"  . DA  A 1 3  ? -3.972  -11.164 2.480   1.00 0.00 ? 3  DA  A "C1'"  1 
ATOM   72  N N9     . DA  A 1 3  ? -4.817  -9.950  2.410   1.00 0.00 ? 3  DA  A N9     1 
ATOM   73  C C8     . DA  A 1 3  ? -5.331  -9.211  3.448   1.00 0.00 ? 3  DA  A C8     1 
ATOM   74  N N7     . DA  A 1 3  ? -6.104  -8.224  3.076   1.00 0.00 ? 3  DA  A N7     1 
ATOM   75  C C5     . DA  A 1 3  ? -6.111  -8.329  1.679   1.00 0.00 ? 3  DA  A C5     1 
ATOM   76  C C6     . DA  A 1 3  ? -6.692  -7.580  0.625   1.00 0.00 ? 3  DA  A C6     1 
ATOM   77  N N6     . DA  A 1 3  ? -7.430  -6.494  0.790   1.00 0.00 ? 3  DA  A N6     1 
ATOM   78  N N1     . DA  A 1 3  ? -6.486  -7.924  -0.652  1.00 0.00 ? 3  DA  A N1     1 
ATOM   79  C C2     . DA  A 1 3  ? -5.716  -8.980  -0.897  1.00 0.00 ? 3  DA  A C2     1 
ATOM   80  N N3     . DA  A 1 3  ? -5.096  -9.762  -0.018  1.00 0.00 ? 3  DA  A N3     1 
ATOM   81  C C4     . DA  A 1 3  ? -5.336  -9.382  1.268   1.00 0.00 ? 3  DA  A C4     1 
ATOM   82  H "H5'"  . DA  A 1 3  ? -5.656  -12.888 5.424   1.00 0.00 ? 3  DA  A "H5'"  1 
ATOM   83  H "H5''" . DA  A 1 3  ? -4.105  -13.389 6.114   1.00 0.00 ? 3  DA  A "H5''" 1 
ATOM   84  H "H4'"  . DA  A 1 3  ? -4.079  -13.947 3.826   1.00 0.00 ? 3  DA  A "H4'"  1 
ATOM   85  H "H3'"  . DA  A 1 3  ? -1.998  -12.508 4.801   1.00 0.00 ? 3  DA  A "H3'"  1 
ATOM   86  H "H2'"  . DA  A 1 3  ? -2.872  -10.353 4.180   1.00 0.00 ? 3  DA  A "H2'"  1 
ATOM   87  H "H2''" . DA  A 1 3  ? -1.843  -10.711 2.759   1.00 0.00 ? 3  DA  A "H2''" 1 
ATOM   88  H "H1'"  . DA  A 1 3  ? -3.672  -11.475 1.474   1.00 0.00 ? 3  DA  A "H1'"  1 
ATOM   89  H H8     . DA  A 1 3  ? -5.100  -9.441  4.481   1.00 0.00 ? 3  DA  A H8     1 
ATOM   90  H H61    . DA  A 1 3  ? -7.727  -5.967  -0.032  1.00 0.00 ? 3  DA  A H61    1 
ATOM   91  H H62    . DA  A 1 3  ? -7.650  -6.210  1.730   1.00 0.00 ? 3  DA  A H62    1 
ATOM   92  H H2     . DA  A 1 3  ? -5.558  -9.218  -1.939  1.00 0.00 ? 3  DA  A H2     1 
ATOM   93  P P      . DT  A 1 4  ? -0.459  -13.623 2.681   1.00 0.00 ? 4  DT  A P      1 
ATOM   94  O OP1    . DT  A 1 4  ? -0.323  -14.914 1.972   1.00 0.00 ? 4  DT  A OP1    1 
ATOM   95  O OP2    . DT  A 1 4  ? 0.231   -13.408 3.970   1.00 0.00 ? 4  DT  A OP2    1 
ATOM   96  O "O5'"  . DT  A 1 4  ? -0.060  -12.432 1.674   1.00 0.00 ? 4  DT  A "O5'"  1 
ATOM   97  C "C5'"  . DT  A 1 4  ? -0.036  -12.644 0.270   1.00 0.00 ? 4  DT  A "C5'"  1 
ATOM   98  C "C4'"  . DT  A 1 4  ? 0.256   -11.360 -0.515  1.00 0.00 ? 4  DT  A "C4'"  1 
ATOM   99  O "O4'"  . DT  A 1 4  ? -0.890  -10.507 -0.494  1.00 0.00 ? 4  DT  A "O4'"  1 
ATOM   100 C "C3'"  . DT  A 1 4  ? 1.440   -10.560 0.055   1.00 0.00 ? 4  DT  A "C3'"  1 
ATOM   101 O "O3'"  . DT  A 1 4  ? 2.293   -10.079 -0.962  1.00 0.00 ? 4  DT  A "O3'"  1 
ATOM   102 C "C2'"  . DT  A 1 4  ? 0.726   -9.385  0.691   1.00 0.00 ? 4  DT  A "C2'"  1 
ATOM   103 C "C1'"  . DT  A 1 4  ? -0.430  -9.185  -0.295  1.00 0.00 ? 4  DT  A "C1'"  1 
ATOM   104 N N1     . DT  A 1 4  ? -1.519  -8.251  0.144   1.00 0.00 ? 4  DT  A N1     1 
ATOM   105 C C2     . DT  A 1 4  ? -2.318  -7.664  -0.854  1.00 0.00 ? 4  DT  A C2     1 
ATOM   106 O O2     . DT  A 1 4  ? -2.196  -7.904  -2.050  1.00 0.00 ? 4  DT  A O2     1 
ATOM   107 N N3     . DT  A 1 4  ? -3.246  -6.723  -0.446  1.00 0.00 ? 4  DT  A N3     1 
ATOM   108 C C4     . DT  A 1 4  ? -3.454  -6.303  0.851   1.00 0.00 ? 4  DT  A C4     1 
ATOM   109 O O4     . DT  A 1 4  ? -4.328  -5.467  1.066   1.00 0.00 ? 4  DT  A O4     1 
ATOM   110 C C5     . DT  A 1 4  ? -2.561  -6.909  1.835   1.00 0.00 ? 4  DT  A C5     1 
ATOM   111 C C7     . DT  A 1 4  ? -2.628  -6.492  3.295   1.00 0.00 ? 4  DT  A C7     1 
ATOM   112 C C6     . DT  A 1 4  ? -1.642  -7.838  1.460   1.00 0.00 ? 4  DT  A C6     1 
ATOM   113 H "H5'"  . DT  A 1 4  ? -0.996  -13.045 -0.058  1.00 0.00 ? 4  DT  A "H5'"  1 
ATOM   114 H "H5''" . DT  A 1 4  ? 0.741   -13.377 0.043   1.00 0.00 ? 4  DT  A "H5''" 1 
ATOM   115 H "H4'"  . DT  A 1 4  ? 0.488   -11.639 -1.544  1.00 0.00 ? 4  DT  A "H4'"  1 
ATOM   116 H "H3'"  . DT  A 1 4  ? 2.010   -11.124 0.798   1.00 0.00 ? 4  DT  A "H3'"  1 
ATOM   117 H "H2'"  . DT  A 1 4  ? 0.366   -9.715  1.664   1.00 0.00 ? 4  DT  A "H2'"  1 
ATOM   118 H "H2''" . DT  A 1 4  ? 1.371   -8.513  0.777   1.00 0.00 ? 4  DT  A "H2''" 1 
ATOM   119 H "H1'"  . DT  A 1 4  ? -0.019  -8.834  -1.249  1.00 0.00 ? 4  DT  A "H1'"  1 
ATOM   120 H H3     . DT  A 1 4  ? -3.814  -6.261  -1.148  1.00 0.00 ? 4  DT  A H3     1 
ATOM   121 H H71    . DT  A 1 4  ? -1.719  -6.777  3.827   1.00 0.00 ? 4  DT  A H71    1 
ATOM   122 H H72    . DT  A 1 4  ? -3.484  -6.966  3.775   1.00 0.00 ? 4  DT  A H72    1 
ATOM   123 H H73    . DT  A 1 4  ? -2.744  -5.410  3.359   1.00 0.00 ? 4  DT  A H73    1 
ATOM   124 H H6     . DT  A 1 4  ? -1.003  -8.246  2.227   1.00 0.00 ? 4  DT  A H6     1 
ATOM   125 P P      . DC  A 1 5  ? 3.466   -11.018 -1.534  1.00 0.00 ? 5  DC  A P      1 
ATOM   126 O OP1    . DC  A 1 5  ? 2.914   -12.376 -1.730  1.00 0.00 ? 5  DC  A OP1    1 
ATOM   127 O OP2    . DC  A 1 5  ? 4.648   -10.807 -0.677  1.00 0.00 ? 5  DC  A OP2    1 
ATOM   128 O "O5'"  . DC  A 1 5  ? 3.756   -10.399 -2.978  1.00 0.00 ? 5  DC  A "O5'"  1 
ATOM   129 C "C5'"  . DC  A 1 5  ? 2.752   -10.297 -3.976  1.00 0.00 ? 5  DC  A "C5'"  1 
ATOM   130 C "C4'"  . DC  A 1 5  ? 2.405   -8.835  -4.280  1.00 0.00 ? 5  DC  A "C4'"  1 
ATOM   131 O "O4'"  . DC  A 1 5  ? 1.482   -8.271  -3.362  1.00 0.00 ? 5  DC  A "O4'"  1 
ATOM   132 C "C3'"  . DC  A 1 5  ? 3.612   -7.895  -4.270  1.00 0.00 ? 5  DC  A "C3'"  1 
ATOM   133 O "O3'"  . DC  A 1 5  ? 4.203   -7.837  -5.556  1.00 0.00 ? 5  DC  A "O3'"  1 
ATOM   134 C "C2'"  . DC  A 1 5  ? 2.994   -6.570  -3.817  1.00 0.00 ? 5  DC  A "C2'"  1 
ATOM   135 C "C1'"  . DC  A 1 5  ? 1.505   -6.883  -3.619  1.00 0.00 ? 5  DC  A "C1'"  1 
ATOM   136 N N1     . DC  A 1 5  ? 0.850   -6.121  -2.518  1.00 0.00 ? 5  DC  A N1     1 
ATOM   137 C C2     . DC  A 1 5  ? -0.106  -5.144  -2.833  1.00 0.00 ? 5  DC  A C2     1 
ATOM   138 O O2     . DC  A 1 5  ? -0.397  -4.874  -3.997  1.00 0.00 ? 5  DC  A O2     1 
ATOM   139 N N3     . DC  A 1 5  ? -0.728  -4.448  -1.844  1.00 0.00 ? 5  DC  A N3     1 
ATOM   140 C C4     . DC  A 1 5  ? -0.449  -4.729  -0.584  1.00 0.00 ? 5  DC  A C4     1 
ATOM   141 N N4     . DC  A 1 5  ? -1.056  -3.993  0.316   1.00 0.00 ? 5  DC  A N4     1 
ATOM   142 C C5     . DC  A 1 5  ? 0.503   -5.729  -0.205  1.00 0.00 ? 5  DC  A C5     1 
ATOM   143 C C6     . DC  A 1 5  ? 1.141   -6.397  -1.205  1.00 0.00 ? 5  DC  A C6     1 
ATOM   144 H "H5'"  . DC  A 1 5  ? 1.847   -10.828 -3.676  1.00 0.00 ? 5  DC  A "H5'"  1 
ATOM   145 H "H5''" . DC  A 1 5  ? 3.137   -10.750 -4.889  1.00 0.00 ? 5  DC  A "H5''" 1 
ATOM   146 H "H4'"  . DC  A 1 5  ? 1.957   -8.794  -5.273  1.00 0.00 ? 5  DC  A "H4'"  1 
ATOM   147 H "H3'"  . DC  A 1 5  ? 4.345   -8.215  -3.527  1.00 0.00 ? 5  DC  A "H3'"  1 
ATOM   148 H "H2'"  . DC  A 1 5  ? 3.468   -6.289  -2.880  1.00 0.00 ? 5  DC  A "H2'"  1 
ATOM   149 H "H2''" . DC  A 1 5  ? 3.127   -5.790  -4.565  1.00 0.00 ? 5  DC  A "H2''" 1 
ATOM   150 H "H1'"  . DC  A 1 5  ? 0.981   -6.693  -4.560  1.00 0.00 ? 5  DC  A "H1'"  1 
ATOM   151 H H41    . DC  A 1 5  ? -1.692  -3.268  -0.031  1.00 0.00 ? 5  DC  A H41    1 
ATOM   152 H H42    . DC  A 1 5  ? -0.921  -4.139  1.297   1.00 0.00 ? 5  DC  A H42    1 
ATOM   153 H H5     . DC  A 1 5  ? 0.725   -5.959  0.825   1.00 0.00 ? 5  DC  A H5     1 
ATOM   154 H H6     . DC  A 1 5  ? 1.885   -7.163  -1.006  1.00 0.00 ? 5  DC  A H6     1 
ATOM   155 P P      . DG  A 1 6  ? 5.716   -7.317  -5.756  1.00 0.00 ? 6  DG  A P      1 
ATOM   156 O OP1    . DG  A 1 6  ? 6.091   -7.487  -7.174  1.00 0.00 ? 6  DG  A OP1    1 
ATOM   157 O OP2    . DG  A 1 6  ? 6.568   -7.890  -4.692  1.00 0.00 ? 6  DG  A OP2    1 
ATOM   158 O "O5'"  . DG  A 1 6  ? 5.548   -5.738  -5.477  1.00 0.00 ? 6  DG  A "O5'"  1 
ATOM   159 C "C5'"  . DG  A 1 6  ? 6.651   -4.936  -5.104  1.00 0.00 ? 6  DG  A "C5'"  1 
ATOM   160 C "C4'"  . DG  A 1 6  ? 6.412   -3.485  -5.547  1.00 0.00 ? 6  DG  A "C4'"  1 
ATOM   161 O "O4'"  . DG  A 1 6  ? 5.427   -2.846  -4.731  1.00 0.00 ? 6  DG  A "O4'"  1 
ATOM   162 C "C3'"  . DG  A 1 6  ? 7.688   -2.636  -5.454  1.00 0.00 ? 6  DG  A "C3'"  1 
ATOM   163 O "O3'"  . DG  A 1 6  ? 7.799   -1.875  -6.643  1.00 0.00 ? 6  DG  A "O3'"  1 
ATOM   164 C "C2'"  . DG  A 1 6  ? 7.420   -1.786  -4.215  1.00 0.00 ? 6  DG  A "C2'"  1 
ATOM   165 C "C1'"  . DG  A 1 6  ? 5.911   -1.587  -4.308  1.00 0.00 ? 6  DG  A "C1'"  1 
ATOM   166 N N9     . DG  A 1 6  ? 5.327   -1.286  -2.984  1.00 0.00 ? 6  DG  A N9     1 
ATOM   167 C C8     . DG  A 1 6  ? 5.391   -2.078  -1.873  1.00 0.00 ? 6  DG  A C8     1 
ATOM   168 N N7     . DG  A 1 6  ? 4.892   -1.550  -0.784  1.00 0.00 ? 6  DG  A N7     1 
ATOM   169 C C5     . DG  A 1 6  ? 4.474   -0.289  -1.221  1.00 0.00 ? 6  DG  A C5     1 
ATOM   170 C C6     . DG  A 1 6  ? 3.931   0.815   -0.487  1.00 0.00 ? 6  DG  A C6     1 
ATOM   171 O O6     . DG  A 1 6  ? 3.928   0.995   0.728   1.00 0.00 ? 6  DG  A O6     1 
ATOM   172 N N1     . DG  A 1 6  ? 3.365   1.783   -1.312  1.00 0.00 ? 6  DG  A N1     1 
ATOM   173 C C2     . DG  A 1 6  ? 3.456   1.778   -2.695  1.00 0.00 ? 6  DG  A C2     1 
ATOM   174 N N2     . DG  A 1 6  ? 2.892   2.823   -3.320  1.00 0.00 ? 6  DG  A N2     1 
ATOM   175 N N3     . DG  A 1 6  ? 4.118   0.823   -3.384  1.00 0.00 ? 6  DG  A N3     1 
ATOM   176 C C4     . DG  A 1 6  ? 4.594   -0.188  -2.594  1.00 0.00 ? 6  DG  A C4     1 
ATOM   177 H "H5'"  . DG  A 1 6  ? 7.538   -5.314  -5.613  1.00 0.00 ? 6  DG  A "H5'"  1 
ATOM   178 H "H5''" . DG  A 1 6  ? 6.808   -4.992  -4.026  1.00 0.00 ? 6  DG  A "H5''" 1 
ATOM   179 H "H4'"  . DG  A 1 6  ? 6.077   -3.505  -6.585  1.00 0.00 ? 6  DG  A "H4'"  1 
ATOM   180 H "H3'"  . DG  A 1 6  ? 8.582   -3.250  -5.324  1.00 0.00 ? 6  DG  A "H3'"  1 
ATOM   181 H "H2'"  . DG  A 1 6  ? 7.695   -2.357  -3.330  1.00 0.00 ? 6  DG  A "H2'"  1 
ATOM   182 H "H2''" . DG  A 1 6  ? 7.952   -0.836  -4.220  1.00 0.00 ? 6  DG  A "H2''" 1 
ATOM   183 H "H1'"  . DG  A 1 6  ? 5.691   -0.811  -5.047  1.00 0.00 ? 6  DG  A "H1'"  1 
ATOM   184 H H8     . DG  A 1 6  ? 5.791   -3.081  -1.913  1.00 0.00 ? 6  DG  A H8     1 
ATOM   185 H H1     . DG  A 1 6  ? 2.886   2.554   -0.861  1.00 0.00 ? 6  DG  A H1     1 
ATOM   186 H H21    . DG  A 1 6  ? 2.457   3.585   -2.787  1.00 0.00 ? 6  DG  A H21    1 
ATOM   187 H H22    . DG  A 1 6  ? 2.922   2.910   -4.326  1.00 0.00 ? 6  DG  A H22    1 
ATOM   188 P P      . DA  A 1 7  ? 8.938   -0.757  -6.872  1.00 0.00 ? 7  DA  A P      1 
ATOM   189 O OP1    . DA  A 1 7  ? 9.341   -0.788  -8.293  1.00 0.00 ? 7  DA  A OP1    1 
ATOM   190 O OP2    . DA  A 1 7  ? 9.950   -0.860  -5.799  1.00 0.00 ? 7  DA  A OP2    1 
ATOM   191 O "O5'"  . DA  A 1 7  ? 8.050   0.561   -6.624  1.00 0.00 ? 7  DA  A "O5'"  1 
ATOM   192 C "C5'"  . DA  A 1 7  ? 6.963   0.835   -7.493  1.00 0.00 ? 7  DA  A "C5'"  1 
ATOM   193 C "C4'"  . DA  A 1 7  ? 6.436   2.270   -7.409  1.00 0.00 ? 7  DA  A "C4'"  1 
ATOM   194 O "O4'"  . DA  A 1 7  ? 5.817   2.495   -6.150  1.00 0.00 ? 7  DA  A "O4'"  1 
ATOM   195 C "C3'"  . DA  A 1 7  ? 7.547   3.308   -7.593  1.00 0.00 ? 7  DA  A "C3'"  1 
ATOM   196 O "O3'"  . DA  A 1 7  ? 7.038   4.405   -8.333  1.00 0.00 ? 7  DA  A "O3'"  1 
ATOM   197 C "C2'"  . DA  A 1 7  ? 7.871   3.672   -6.151  1.00 0.00 ? 7  DA  A "C2'"  1 
ATOM   198 C "C1'"  . DA  A 1 7  ? 6.487   3.568   -5.513  1.00 0.00 ? 7  DA  A "C1'"  1 
ATOM   199 N N9     . DA  A 1 7  ? 6.555   3.279   -4.071  1.00 0.00 ? 7  DA  A N9     1 
ATOM   200 C C8     . DA  A 1 7  ? 7.223   2.264   -3.431  1.00 0.00 ? 7  DA  A C8     1 
ATOM   201 N N7     . DA  A 1 7  ? 7.055   2.252   -2.134  1.00 0.00 ? 7  DA  A N7     1 
ATOM   202 C C5     . DA  A 1 7  ? 6.209   3.347   -1.910  1.00 0.00 ? 7  DA  A C5     1 
ATOM   203 C C6     . DA  A 1 7  ? 5.572   3.905   -0.773  1.00 0.00 ? 7  DA  A C6     1 
ATOM   204 N N6     . DA  A 1 7  ? 5.662   3.418   0.451   1.00 0.00 ? 7  DA  A N6     1 
ATOM   205 N N1     . DA  A 1 7  ? 4.721   4.931   -0.893  1.00 0.00 ? 7  DA  A N1     1 
ATOM   206 C C2     . DA  A 1 7  ? 4.517   5.431   -2.106  1.00 0.00 ? 7  DA  A C2     1 
ATOM   207 N N3     . DA  A 1 7  ? 5.048   5.023   -3.254  1.00 0.00 ? 7  DA  A N3     1 
ATOM   208 C C4     . DA  A 1 7  ? 5.890   3.966   -3.087  1.00 0.00 ? 7  DA  A C4     1 
ATOM   209 H "H5'"  . DA  A 1 7  ? 6.152   0.139   -7.281  1.00 0.00 ? 7  DA  A "H5'"  1 
ATOM   210 H "H5''" . DA  A 1 7  ? 7.296   0.671   -8.519  1.00 0.00 ? 7  DA  A "H5''" 1 
ATOM   211 H "H4'"  . DA  A 1 7  ? 5.698   2.402   -8.201  1.00 0.00 ? 7  DA  A "H4'"  1 
ATOM   212 H "H3'"  . DA  A 1 7  ? 8.414   2.882   -8.103  1.00 0.00 ? 7  DA  A "H3'"  1 
ATOM   213 H "H2'"  . DA  A 1 7  ? 8.557   2.931   -5.743  1.00 0.00 ? 7  DA  A "H2'"  1 
ATOM   214 H "H2''" . DA  A 1 7  ? 8.294   4.671   -6.052  1.00 0.00 ? 7  DA  A "H2''" 1 
ATOM   215 H "H1'"  . DA  A 1 7  ? 5.942   4.501   -5.692  1.00 0.00 ? 7  DA  A "H1'"  1 
ATOM   216 H H8     . DA  A 1 7  ? 7.821   1.540   -3.976  1.00 0.00 ? 7  DA  A H8     1 
ATOM   217 H H61    . DA  A 1 7  ? 5.087   3.862   1.171   1.00 0.00 ? 7  DA  A H61    1 
ATOM   218 H H62    . DA  A 1 7  ? 6.238   2.612   0.621   1.00 0.00 ? 7  DA  A H62    1 
ATOM   219 H H2     . DA  A 1 7  ? 3.824   6.259   -2.167  1.00 0.00 ? 7  DA  A H2     1 
ATOM   220 P P      . DT  A 1 8  ? 7.971   5.645   -8.769  1.00 0.00 ? 8  DT  A P      1 
ATOM   221 O OP1    . DT  A 1 8  ? 7.511   6.141   -10.083 1.00 0.00 ? 8  DT  A OP1    1 
ATOM   222 O OP2    . DT  A 1 8  ? 9.388   5.286   -8.553  1.00 0.00 ? 8  DT  A OP2    1 
ATOM   223 O "O5'"  . DT  A 1 8  ? 7.569   6.710   -7.641  1.00 0.00 ? 8  DT  A "O5'"  1 
ATOM   224 C "C5'"  . DT  A 1 8  ? 6.278   7.285   -7.599  1.00 0.00 ? 8  DT  A "C5'"  1 
ATOM   225 C "C4'"  . DT  A 1 8  ? 6.205   8.318   -6.474  1.00 0.00 ? 8  DT  A "C4'"  1 
ATOM   226 O "O4'"  . DT  A 1 8  ? 6.190   7.671   -5.209  1.00 0.00 ? 8  DT  A "O4'"  1 
ATOM   227 C "C3'"  . DT  A 1 8  ? 7.369   9.325   -6.468  1.00 0.00 ? 8  DT  A "C3'"  1 
ATOM   228 O "O3'"  . DT  A 1 8  ? 6.792   10.614  -6.576  1.00 0.00 ? 8  DT  A "O3'"  1 
ATOM   229 C "C2'"  . DT  A 1 8  ? 8.026   9.071   -5.112  1.00 0.00 ? 8  DT  A "C2'"  1 
ATOM   230 C "C1'"  . DT  A 1 8  ? 6.861   8.512   -4.295  1.00 0.00 ? 8  DT  A "C1'"  1 
ATOM   231 N N1     . DT  A 1 8  ? 7.291   7.728   -3.108  1.00 0.00 ? 8  DT  A N1     1 
ATOM   232 C C2     . DT  A 1 8  ? 6.801   8.094   -1.848  1.00 0.00 ? 8  DT  A C2     1 
ATOM   233 O O2     . DT  A 1 8  ? 6.056   9.048   -1.654  1.00 0.00 ? 8  DT  A O2     1 
ATOM   234 N N3     . DT  A 1 8  ? 7.210   7.327   -0.778  1.00 0.00 ? 8  DT  A N3     1 
ATOM   235 C C4     . DT  A 1 8  ? 8.115   6.286   -0.838  1.00 0.00 ? 8  DT  A C4     1 
ATOM   236 O O4     . DT  A 1 8  ? 8.453   5.733   0.202   1.00 0.00 ? 8  DT  A O4     1 
ATOM   237 C C5     . DT  A 1 8  ? 8.587   5.953   -2.180  1.00 0.00 ? 8  DT  A C5     1 
ATOM   238 C C7     . DT  A 1 8  ? 9.579   4.821   -2.389  1.00 0.00 ? 8  DT  A C7     1 
ATOM   239 C C6     . DT  A 1 8  ? 8.156   6.662   -3.254  1.00 0.00 ? 8  DT  A C6     1 
ATOM   240 H "H5'"  . DT  A 1 8  ? 5.531   6.509   -7.424  1.00 0.00 ? 8  DT  A "H5'"  1 
ATOM   241 H "H5''" . DT  A 1 8  ? 6.062   7.774   -8.552  1.00 0.00 ? 8  DT  A "H5''" 1 
ATOM   242 H "H4'"  . DT  A 1 8  ? 5.274   8.877   -6.584  1.00 0.00 ? 8  DT  A "H4'"  1 
ATOM   243 H "H3'"  . DT  A 1 8  ? 8.078   9.140   -7.280  1.00 0.00 ? 8  DT  A "H3'"  1 
ATOM   244 H "H2'"  . DT  A 1 8  ? 8.814   8.332   -5.244  1.00 0.00 ? 8  DT  A "H2'"  1 
ATOM   245 H "H2''" . DT  A 1 8  ? 8.440   9.973   -4.669  1.00 0.00 ? 8  DT  A "H2''" 1 
ATOM   246 H "H1'"  . DT  A 1 8  ? 6.200   9.335   -4.003  1.00 0.00 ? 8  DT  A "H1'"  1 
ATOM   247 H H3     . DT  A 1 8  ? 6.815   7.569   0.127   1.00 0.00 ? 8  DT  A H3     1 
ATOM   248 H H71    . DT  A 1 8  ? 9.496   4.095   -1.580  1.00 0.00 ? 8  DT  A H71    1 
ATOM   249 H H72    . DT  A 1 8  ? 10.592  5.225   -2.397  1.00 0.00 ? 8  DT  A H72    1 
ATOM   250 H H73    . DT  A 1 8  ? 9.389   4.312   -3.333  1.00 0.00 ? 8  DT  A H73    1 
ATOM   251 H H6     . DT  A 1 8  ? 8.488   6.397   -4.248  1.00 0.00 ? 8  DT  A H6     1 
ATOM   252 P P      . DC  A 1 9  ? 7.645   11.983  -6.534  1.00 0.00 ? 9  DC  A P      1 
ATOM   253 O OP1    . DC  A 1 9  ? 6.933   12.979  -7.361  1.00 0.00 ? 9  DC  A OP1    1 
ATOM   254 O OP2    . DC  A 1 9  ? 9.070   11.681  -6.780  1.00 0.00 ? 9  DC  A OP2    1 
ATOM   255 O "O5'"  . DC  A 1 9  ? 7.472   12.391  -4.982  1.00 0.00 ? 9  DC  A "O5'"  1 
ATOM   256 C "C5'"  . DC  A 1 9  ? 6.201   12.798  -4.495  1.00 0.00 ? 9  DC  A "C5'"  1 
ATOM   257 C "C4'"  . DC  A 1 9  ? 6.226   13.279  -3.038  1.00 0.00 ? 9  DC  A "C4'"  1 
ATOM   258 O "O4'"  . DC  A 1 9  ? 6.630   12.207  -2.206  1.00 0.00 ? 9  DC  A "O4'"  1 
ATOM   259 C "C3'"  . DC  A 1 9  ? 7.171   14.468  -2.806  1.00 0.00 ? 9  DC  A "C3'"  1 
ATOM   260 O "O3'"  . DC  A 1 9  ? 6.486   15.595  -2.272  1.00 0.00 ? 9  DC  A "O3'"  1 
ATOM   261 C "C2'"  . DC  A 1 9  ? 8.189   13.900  -1.818  1.00 0.00 ? 9  DC  A "C2'"  1 
ATOM   262 C "C1'"  . DC  A 1 9  ? 7.476   12.702  -1.191  1.00 0.00 ? 9  DC  A "C1'"  1 
ATOM   263 N N1     . DC  A 1 9  ? 8.404   11.611  -0.783  1.00 0.00 ? 9  DC  A N1     1 
ATOM   264 C C2     . DC  A 1 9  ? 8.525   11.263  0.571   1.00 0.00 ? 9  DC  A C2     1 
ATOM   265 O O2     . DC  A 1 9  ? 8.024   11.935  1.471   1.00 0.00 ? 9  DC  A O2     1 
ATOM   266 N N3     . DC  A 1 9  ? 9.222   10.155  0.929   1.00 0.00 ? 9  DC  A N3     1 
ATOM   267 C C4     . DC  A 1 9  ? 9.789   9.418   -0.013  1.00 0.00 ? 9  DC  A C4     1 
ATOM   268 N N4     . DC  A 1 9  ? 10.455  8.361   0.383   1.00 0.00 ? 9  DC  A N4     1 
ATOM   269 C C5     . DC  A 1 9  ? 9.721   9.741   -1.401  1.00 0.00 ? 9  DC  A C5     1 
ATOM   270 C C6     . DC  A 1 9  ? 9.024   10.853  -1.747  1.00 0.00 ? 9  DC  A C6     1 
ATOM   271 H "H5'"  . DC  A 1 9  ? 5.507   11.962  -4.578  1.00 0.00 ? 9  DC  A "H5'"  1 
ATOM   272 H "H5''" . DC  A 1 9  ? 5.840   13.616  -5.117  1.00 0.00 ? 9  DC  A "H5''" 1 
ATOM   273 H "H4'"  . DC  A 1 9  ? 5.216   13.572  -2.752  1.00 0.00 ? 9  DC  A "H4'"  1 
ATOM   274 H "H3'"  . DC  A 1 9  ? 7.657   14.746  -3.745  1.00 0.00 ? 9  DC  A "H3'"  1 
ATOM   275 H "H2'"  . DC  A 1 9  ? 9.072   13.594  -2.377  1.00 0.00 ? 9  DC  A "H2'"  1 
ATOM   276 H "H2''" . DC  A 1 9  ? 8.461   14.614  -1.047  1.00 0.00 ? 9  DC  A "H2''" 1 
ATOM   277 H "H1'"  . DC  A 1 9  ? 6.867   13.037  -0.347  1.00 0.00 ? 9  DC  A "H1'"  1 
ATOM   278 H H41    . DC  A 1 9  ? 10.474  8.135   1.380   1.00 0.00 ? 9  DC  A H41    1 
ATOM   279 H H42    . DC  A 1 9  ? 10.956  7.804   -0.277  1.00 0.00 ? 9  DC  A H42    1 
ATOM   280 H H5     . DC  A 1 9  ? 10.177  9.132   -2.165  1.00 0.00 ? 9  DC  A H5     1 
ATOM   281 H H6     . DC  A 1 9  ? 8.915   11.148  -2.786  1.00 0.00 ? 9  DC  A H6     1 
ATOM   282 P P      . DT  A 1 10 ? 7.165   17.072  -2.244  1.00 0.00 ? 10 DT  A P      1 
ATOM   283 O OP1    . DT  A 1 10 ? 6.096   18.068  -2.024  1.00 0.00 ? 10 DT  A OP1    1 
ATOM   284 O OP2    . DT  A 1 10 ? 8.070   17.201  -3.406  1.00 0.00 ? 10 DT  A OP2    1 
ATOM   285 O "O5'"  . DT  A 1 10 ? 8.068   17.020  -0.908  1.00 0.00 ? 10 DT  A "O5'"  1 
ATOM   286 C "C5'"  . DT  A 1 10 ? 7.441   17.021  0.364   1.00 0.00 ? 10 DT  A "C5'"  1 
ATOM   287 C "C4'"  . DT  A 1 10 ? 8.400   16.739  1.526   1.00 0.00 ? 10 DT  A "C4'"  1 
ATOM   288 O "O4'"  . DT  A 1 10 ? 8.880   15.408  1.473   1.00 0.00 ? 10 DT  A "O4'"  1 
ATOM   289 C "C3'"  . DT  A 1 10 ? 9.640   17.643  1.606   1.00 0.00 ? 10 DT  A "C3'"  1 
ATOM   290 O "O3'"  . DT  A 1 10 ? 9.520   18.615  2.629   1.00 0.00 ? 10 DT  A "O3'"  1 
ATOM   291 C "C2'"  . DT  A 1 10 ? 10.776  16.678  1.949   1.00 0.00 ? 10 DT  A "C2'"  1 
ATOM   292 C "C1'"  . DT  A 1 10 ? 10.048  15.369  2.262   1.00 0.00 ? 10 DT  A "C1'"  1 
ATOM   293 N N1     . DT  A 1 10 ? 10.873  14.191  1.914   1.00 0.00 ? 10 DT  A N1     1 
ATOM   294 C C2     . DT  A 1 10 ? 11.359  13.396  2.954   1.00 0.00 ? 10 DT  A C2     1 
ATOM   295 O O2     . DT  A 1 10 ? 11.089  13.585  4.137   1.00 0.00 ? 10 DT  A O2     1 
ATOM   296 N N3     . DT  A 1 10 ? 12.198  12.368  2.594   1.00 0.00 ? 10 DT  A N3     1 
ATOM   297 C C4     . DT  A 1 10 ? 12.553  12.019  1.308   1.00 0.00 ? 10 DT  A C4     1 
ATOM   298 O O4     . DT  A 1 10 ? 13.277  11.039  1.150   1.00 0.00 ? 10 DT  A O4     1 
ATOM   299 C C5     . DT  A 1 10 ? 12.002  12.890  0.268   1.00 0.00 ? 10 DT  A C5     1 
ATOM   300 C C7     . DT  A 1 10 ? 12.302  12.667  -1.202  1.00 0.00 ? 10 DT  A C7     1 
ATOM   301 C C6     . DT  A 1 10 ? 11.196  13.930  0.600   1.00 0.00 ? 10 DT  A C6     1 
ATOM   302 H "H5'"  . DT  A 1 10 ? 6.666   16.253  0.370   1.00 0.00 ? 10 DT  A "H5'"  1 
ATOM   303 H "H5''" . DT  A 1 10 ? 6.968   17.990  0.518   1.00 0.00 ? 10 DT  A "H5''" 1 
ATOM   304 H "H4'"  . DT  A 1 10 ? 7.836   16.855  2.450   1.00 0.00 ? 10 DT  A "H4'"  1 
ATOM   305 H "H3'"  . DT  A 1 10 ? 9.832   18.116  0.640   1.00 0.00 ? 10 DT  A "H3'"  1 
ATOM   306 H "HO3'" . DT  A 1 10 ? 9.795   18.240  3.469   1.00 0.00 ? 10 DT  A "HO3'" 1 
ATOM   307 H "H2'"  . DT  A 1 10 ? 11.420  16.570  1.076   1.00 0.00 ? 10 DT  A "H2'"  1 
ATOM   308 H "H2''" . DT  A 1 10 ? 11.372  17.007  2.802   1.00 0.00 ? 10 DT  A "H2''" 1 
ATOM   309 H "H1'"  . DT  A 1 10 ? 9.766   15.337  3.318   1.00 0.00 ? 10 DT  A "H1'"  1 
ATOM   310 H H3     . DT  A 1 10 ? 12.496  11.764  3.353   1.00 0.00 ? 10 DT  A H3     1 
ATOM   311 H H71    . DT  A 1 10 ? 12.935  13.474  -1.573  1.00 0.00 ? 10 DT  A H71    1 
ATOM   312 H H72    . DT  A 1 10 ? 11.370  12.659  -1.766  1.00 0.00 ? 10 DT  A H72    1 
ATOM   313 H H73    . DT  A 1 10 ? 12.813  11.716  -1.348  1.00 0.00 ? 10 DT  A H73    1 
ATOM   314 H H6     . DT  A 1 10 ? 10.790  14.572  -0.172  1.00 0.00 ? 10 DT  A H6     1 
ATOM   315 O "O5'"  . DA  B 2 1  ? 15.979  6.787   11.077  1.00 0.00 ? 11 DA  B "O5'"  1 
ATOM   316 C "C5'"  . DA  B 2 1  ? 15.548  8.073   11.499  1.00 0.00 ? 11 DA  B "C5'"  1 
ATOM   317 C "C4'"  . DA  B 2 1  ? 14.116  8.403   11.054  1.00 0.00 ? 11 DA  B "C4'"  1 
ATOM   318 O "O4'"  . DA  B 2 1  ? 14.110  8.711   9.673   1.00 0.00 ? 11 DA  B "O4'"  1 
ATOM   319 C "C3'"  . DA  B 2 1  ? 13.091  7.282   11.274  1.00 0.00 ? 11 DA  B "C3'"  1 
ATOM   320 O "O3'"  . DA  B 2 1  ? 11.914  7.891   11.780  1.00 0.00 ? 11 DA  B "O3'"  1 
ATOM   321 C "C2'"  . DA  B 2 1  ? 12.883  6.732   9.864   1.00 0.00 ? 11 DA  B "C2'"  1 
ATOM   322 C "C1'"  . DA  B 2 1  ? 13.027  8.030   9.076   1.00 0.00 ? 11 DA  B "C1'"  1 
ATOM   323 N N9     . DA  B 2 1  ? 13.323  7.916   7.635   1.00 0.00 ? 11 DA  B N9     1 
ATOM   324 C C8     . DA  B 2 1  ? 14.008  6.952   6.932   1.00 0.00 ? 11 DA  B C8     1 
ATOM   325 N N7     . DA  B 2 1  ? 14.187  7.239   5.668   1.00 0.00 ? 11 DA  B N7     1 
ATOM   326 C C5     . DA  B 2 1  ? 13.532  8.471   5.527   1.00 0.00 ? 11 DA  B C5     1 
ATOM   327 C C6     . DA  B 2 1  ? 13.298  9.363   4.455   1.00 0.00 ? 11 DA  B C6     1 
ATOM   328 N N6     . DA  B 2 1  ? 13.712  9.174   3.213   1.00 0.00 ? 11 DA  B N6     1 
ATOM   329 N N1     . DA  B 2 1  ? 12.610  10.493  4.648   1.00 0.00 ? 11 DA  B N1     1 
ATOM   330 C C2     . DA  B 2 1  ? 12.142  10.752  5.865   1.00 0.00 ? 11 DA  B C2     1 
ATOM   331 N N3     . DA  B 2 1  ? 12.288  10.018  6.958   1.00 0.00 ? 11 DA  B N3     1 
ATOM   332 C C4     . DA  B 2 1  ? 13.000  8.881   6.719   1.00 0.00 ? 11 DA  B C4     1 
ATOM   333 H "H5'"  . DA  B 2 1  ? 16.216  8.832   11.089  1.00 0.00 ? 11 DA  B "H5'"  1 
ATOM   334 H "H5''" . DA  B 2 1  ? 15.588  8.124   12.588  1.00 0.00 ? 11 DA  B "H5''" 1 
ATOM   335 H "H4'"  . DA  B 2 1  ? 13.781  9.283   11.605  1.00 0.00 ? 11 DA  B "H4'"  1 
ATOM   336 H "H3'"  . DA  B 2 1  ? 13.467  6.518   11.958  1.00 0.00 ? 11 DA  B "H3'"  1 
ATOM   337 H "H2'"  . DA  B 2 1  ? 13.679  6.028   9.621   1.00 0.00 ? 11 DA  B "H2'"  1 
ATOM   338 H "H2''" . DA  B 2 1  ? 11.900  6.278   9.747   1.00 0.00 ? 11 DA  B "H2''" 1 
ATOM   339 H "H1'"  . DA  B 2 1  ? 12.115  8.622   9.208   1.00 0.00 ? 11 DA  B "H1'"  1 
ATOM   340 H H8     . DA  B 2 1  ? 14.394  6.051   7.387   1.00 0.00 ? 11 DA  B H8     1 
ATOM   341 H H61    . DA  B 2 1  ? 13.486  9.864   2.496   1.00 0.00 ? 11 DA  B H61    1 
ATOM   342 H H62    . DA  B 2 1  ? 14.160  8.302   2.993   1.00 0.00 ? 11 DA  B H62    1 
ATOM   343 H H2     . DA  B 2 1  ? 11.577  11.666  5.982   1.00 0.00 ? 11 DA  B H2     1 
ATOM   344 H "HO5'" . DA  B 2 1  ? 16.831  6.590   11.476  1.00 0.00 ? 11 DA  B "HO5'" 1 
ATOM   345 P P      . DG  B 2 2  ? 10.766  7.054   12.540  1.00 0.00 ? 12 DG  B P      1 
ATOM   346 O OP1    . DG  B 2 2  ? 10.585  7.649   13.880  1.00 0.00 ? 12 DG  B OP1    1 
ATOM   347 O OP2    . DG  B 2 2  ? 11.069  5.614   12.395  1.00 0.00 ? 12 DG  B OP2    1 
ATOM   348 O "O5'"  . DG  B 2 2  ? 9.479   7.379   11.639  1.00 0.00 ? 12 DG  B "O5'"  1 
ATOM   349 C "C5'"  . DG  B 2 2  ? 8.809   8.632   11.696  1.00 0.00 ? 12 DG  B "C5'"  1 
ATOM   350 C "C4'"  . DG  B 2 2  ? 7.794   8.745   10.551  1.00 0.00 ? 12 DG  B "C4'"  1 
ATOM   351 O "O4'"  . DG  B 2 2  ? 8.535   8.984   9.363   1.00 0.00 ? 12 DG  B "O4'"  1 
ATOM   352 C "C3'"  . DG  B 2 2  ? 6.974   7.450   10.345  1.00 0.00 ? 12 DG  B "C3'"  1 
ATOM   353 O "O3'"  . DG  B 2 2  ? 5.645   7.660   9.906   1.00 0.00 ? 12 DG  B "O3'"  1 
ATOM   354 C "C2'"  . DG  B 2 2  ? 7.677   6.809   9.161   1.00 0.00 ? 12 DG  B "C2'"  1 
ATOM   355 C "C1'"  . DG  B 2 2  ? 8.086   8.064   8.398   1.00 0.00 ? 12 DG  B "C1'"  1 
ATOM   356 N N9     . DG  B 2 2  ? 9.100   7.818   7.356   1.00 0.00 ? 12 DG  B N9     1 
ATOM   357 C C8     . DG  B 2 2  ? 10.061  6.841   7.268   1.00 0.00 ? 12 DG  B C8     1 
ATOM   358 N N7     . DG  B 2 2  ? 10.600  6.734   6.084   1.00 0.00 ? 12 DG  B N7     1 
ATOM   359 C C5     . DG  B 2 2  ? 9.974   7.741   5.339   1.00 0.00 ? 12 DG  B C5     1 
ATOM   360 C C6     . DG  B 2 2  ? 10.079  8.131   3.957   1.00 0.00 ? 12 DG  B C6     1 
ATOM   361 O O6     . DG  B 2 2  ? 10.748  7.648   3.047   1.00 0.00 ? 12 DG  B O6     1 
ATOM   362 N N1     . DG  B 2 2  ? 9.280   9.212   3.631   1.00 0.00 ? 12 DG  B N1     1 
ATOM   363 C C2     . DG  B 2 2  ? 8.481   9.864   4.514   1.00 0.00 ? 12 DG  B C2     1 
ATOM   364 N N2     . DG  B 2 2  ? 7.867   10.940  4.086   1.00 0.00 ? 12 DG  B N2     1 
ATOM   365 N N3     . DG  B 2 2  ? 8.310   9.498   5.781   1.00 0.00 ? 12 DG  B N3     1 
ATOM   366 C C4     . DG  B 2 2  ? 9.091   8.435   6.135   1.00 0.00 ? 12 DG  B C4     1 
ATOM   367 H "H5'"  . DG  B 2 2  ? 9.535   9.440   11.600  1.00 0.00 ? 12 DG  B "H5'"  1 
ATOM   368 H "H5''" . DG  B 2 2  ? 8.290   8.735   12.650  1.00 0.00 ? 12 DG  B "H5''" 1 
ATOM   369 H "H4'"  . DG  B 2 2  ? 7.126   9.586   10.739  1.00 0.00 ? 12 DG  B "H4'"  1 
ATOM   370 H "H3'"  . DG  B 2 2  ? 7.003   6.804   11.225  1.00 0.00 ? 12 DG  B "H3'"  1 
ATOM   371 H "H2'"  . DG  B 2 2  ? 8.543   6.244   9.503   1.00 0.00 ? 12 DG  B "H2'"  1 
ATOM   372 H "H2''" . DG  B 2 2  ? 7.003   6.187   8.571   1.00 0.00 ? 12 DG  B "H2''" 1 
ATOM   373 H "H1'"  . DG  B 2 2  ? 7.196   8.484   7.920   1.00 0.00 ? 12 DG  B "H1'"  1 
ATOM   374 H H8     . DG  B 2 2  ? 10.324  6.200   8.099   1.00 0.00 ? 12 DG  B H8     1 
ATOM   375 H H1     . DG  B 2 2  ? 9.279   9.531   2.670   1.00 0.00 ? 12 DG  B H1     1 
ATOM   376 H H21    . DG  B 2 2  ? 7.992   11.306  3.136   1.00 0.00 ? 12 DG  B H21    1 
ATOM   377 H H22    . DG  B 2 2  ? 7.293   11.403  4.766   1.00 0.00 ? 12 DG  B H22    1 
ATOM   378 P P      . DA  B 2 3  ? 4.468   8.131   10.888  1.00 0.00 ? 13 DA  B P      1 
ATOM   379 O OP1    . DA  B 2 3  ? 5.019   9.052   11.905  1.00 0.00 ? 13 DA  B OP1    1 
ATOM   380 O OP2    . DA  B 2 3  ? 3.671   6.950   11.278  1.00 0.00 ? 13 DA  B OP2    1 
ATOM   381 O "O5'"  . DA  B 2 3  ? 3.645   8.974   9.807   1.00 0.00 ? 13 DA  B "O5'"  1 
ATOM   382 C "C5'"  . DA  B 2 3  ? 4.060   10.259  9.378   1.00 0.00 ? 13 DA  B "C5'"  1 
ATOM   383 C "C4'"  . DA  B 2 3  ? 3.522   10.548  7.970   1.00 0.00 ? 13 DA  B "C4'"  1 
ATOM   384 O "O4'"  . DA  B 2 3  ? 4.324   9.904   6.992   1.00 0.00 ? 13 DA  B "O4'"  1 
ATOM   385 C "C3'"  . DA  B 2 3  ? 2.080   10.073  7.739   1.00 0.00 ? 13 DA  B "C3'"  1 
ATOM   386 O "O3'"  . DA  B 2 3  ? 1.399   11.128  7.082   1.00 0.00 ? 13 DA  B "O3'"  1 
ATOM   387 C "C2'"  . DA  B 2 3  ? 2.251   8.852   6.836   1.00 0.00 ? 13 DA  B "C2'"  1 
ATOM   388 C "C1'"  . DA  B 2 3  ? 3.475   9.292   6.041   1.00 0.00 ? 13 DA  B "C1'"  1 
ATOM   389 N N9     . DA  B 2 3  ? 4.235   8.187   5.430   1.00 0.00 ? 13 DA  B N9     1 
ATOM   390 C C8     . DA  B 2 3  ? 4.832   7.123   6.063   1.00 0.00 ? 13 DA  B C8     1 
ATOM   391 N N7     . DA  B 2 3  ? 5.661   6.452   5.309   1.00 0.00 ? 13 DA  B N7     1 
ATOM   392 C C5     . DA  B 2 3  ? 5.592   7.125   4.083   1.00 0.00 ? 13 DA  B C5     1 
ATOM   393 C C6     . DA  B 2 3  ? 6.256   6.995   2.843   1.00 0.00 ? 13 DA  B C6     1 
ATOM   394 N N6     . DA  B 2 3  ? 7.211   6.112   2.615   1.00 0.00 ? 13 DA  B N6     1 
ATOM   395 N N1     . DA  B 2 3  ? 5.966   7.805   1.816   1.00 0.00 ? 13 DA  B N1     1 
ATOM   396 C C2     . DA  B 2 3  ? 5.043   8.742   2.008   1.00 0.00 ? 13 DA  B C2     1 
ATOM   397 N N3     . DA  B 2 3  ? 4.363   9.003   3.122   1.00 0.00 ? 13 DA  B N3     1 
ATOM   398 C C4     . DA  B 2 3  ? 4.693   8.154   4.135   1.00 0.00 ? 13 DA  B C4     1 
ATOM   399 H "H5'"  . DA  B 2 3  ? 5.149   10.329  9.361   1.00 0.00 ? 13 DA  B "H5'"  1 
ATOM   400 H "H5''" . DA  B 2 3  ? 3.675   11.002  10.078  1.00 0.00 ? 13 DA  B "H5''" 1 
ATOM   401 H "H4'"  . DA  B 2 3  ? 3.568   11.623  7.799   1.00 0.00 ? 13 DA  B "H4'"  1 
ATOM   402 H "H3'"  . DA  B 2 3  ? 1.584   9.809   8.676   1.00 0.00 ? 13 DA  B "H3'"  1 
ATOM   403 H "H2'"  . DA  B 2 3  ? 2.468   7.971   7.443   1.00 0.00 ? 13 DA  B "H2'"  1 
ATOM   404 H "H2''" . DA  B 2 3  ? 1.384   8.682   6.199   1.00 0.00 ? 13 DA  B "H2''" 1 
ATOM   405 H "H1'"  . DA  B 2 3  ? 3.170   10.019  5.282   1.00 0.00 ? 13 DA  B "H1'"  1 
ATOM   406 H H8     . DA  B 2 3  ? 4.652   6.896   7.107   1.00 0.00 ? 13 DA  B H8     1 
ATOM   407 H H61    . DA  B 2 3  ? 7.658   6.077   1.698   1.00 0.00 ? 13 DA  B H61    1 
ATOM   408 H H62    . DA  B 2 3  ? 7.499   5.507   3.364   1.00 0.00 ? 13 DA  B H62    1 
ATOM   409 H H2     . DA  B 2 3  ? 4.813   9.372   1.158   1.00 0.00 ? 13 DA  B H2     1 
ATOM   410 P P      . DT  B 2 4  ? -0.189  11.100  6.837   1.00 0.00 ? 14 DT  B P      1 
ATOM   411 O OP1    . DT  B 2 4  ? -0.681  12.488  6.949   1.00 0.00 ? 14 DT  B OP1    1 
ATOM   412 O OP2    . DT  B 2 4  ? -0.776  10.028  7.668   1.00 0.00 ? 14 DT  B OP2    1 
ATOM   413 O "O5'"  . DT  B 2 4  ? -0.260  10.630  5.296   1.00 0.00 ? 14 DT  B "O5'"  1 
ATOM   414 C "C5'"  . DT  B 2 4  ? -0.007  11.520  4.218   1.00 0.00 ? 14 DT  B "C5'"  1 
ATOM   415 C "C4'"  . DT  B 2 4  ? -0.196  10.809  2.870   1.00 0.00 ? 14 DT  B "C4'"  1 
ATOM   416 O "O4'"  . DT  B 2 4  ? 0.899   9.929   2.624   1.00 0.00 ? 14 DT  B "O4'"  1 
ATOM   417 C "C3'"  . DT  B 2 4  ? -1.495  9.992   2.771   1.00 0.00 ? 14 DT  B "C3'"  1 
ATOM   418 O "O3'"  . DT  B 2 4  ? -2.290  10.548  1.733   1.00 0.00 ? 14 DT  B "O3'"  1 
ATOM   419 C "C2'"  . DT  B 2 4  ? -0.978  8.576   2.495   1.00 0.00 ? 14 DT  B "C2'"  1 
ATOM   420 C "C1'"  . DT  B 2 4  ? 0.429   8.793   1.921   1.00 0.00 ? 14 DT  B "C1'"  1 
ATOM   421 N N1     . DT  B 2 4  ? 1.372   7.638   2.092   1.00 0.00 ? 14 DT  B N1     1 
ATOM   422 C C2     . DT  B 2 4  ? 2.116   7.203   0.982   1.00 0.00 ? 14 DT  B C2     1 
ATOM   423 O O2     . DT  B 2 4  ? 2.053   7.719   -0.128  1.00 0.00 ? 14 DT  B O2     1 
ATOM   424 N N3     . DT  B 2 4  ? 2.952   6.117   1.171   1.00 0.00 ? 14 DT  B N3     1 
ATOM   425 C C4     . DT  B 2 4  ? 3.075   5.384   2.332   1.00 0.00 ? 14 DT  B C4     1 
ATOM   426 O O4     . DT  B 2 4  ? 3.831   4.414   2.338   1.00 0.00 ? 14 DT  B O4     1 
ATOM   427 C C5     . DT  B 2 4  ? 2.276   5.883   3.451   1.00 0.00 ? 14 DT  B C5     1 
ATOM   428 C C7     . DT  B 2 4  ? 2.296   5.171   4.794   1.00 0.00 ? 14 DT  B C7     1 
ATOM   429 C C6     . DT  B 2 4  ? 1.492   6.986   3.307   1.00 0.00 ? 14 DT  B C6     1 
ATOM   430 H "H5'"  . DT  B 2 4  ? 1.015   11.898  4.281   1.00 0.00 ? 14 DT  B "H5'"  1 
ATOM   431 H "H5''" . DT  B 2 4  ? -0.694  12.367  4.275   1.00 0.00 ? 14 DT  B "H5''" 1 
ATOM   432 H "H4'"  . DT  B 2 4  ? -0.218  11.565  2.082   1.00 0.00 ? 14 DT  B "H4'"  1 
ATOM   433 H "H3'"  . DT  B 2 4  ? -2.053  10.013  3.710   1.00 0.00 ? 14 DT  B "H3'"  1 
ATOM   434 H "H2'"  . DT  B 2 4  ? -0.939  8.053   3.446   1.00 0.00 ? 14 DT  B "H2'"  1 
ATOM   435 H "H2''" . DT  B 2 4  ? -1.609  8.020   1.806   1.00 0.00 ? 14 DT  B "H2''" 1 
ATOM   436 H "H1'"  . DT  B 2 4  ? 0.331   9.037   0.859   1.00 0.00 ? 14 DT  B "H1'"  1 
ATOM   437 H H3     . DT  B 2 4  ? 3.532   5.821   0.394   1.00 0.00 ? 14 DT  B H3     1 
ATOM   438 H H71    . DT  B 2 4  ? 3.231   4.621   4.915   1.00 0.00 ? 14 DT  B H71    1 
ATOM   439 H H72    . DT  B 2 4  ? 1.464   4.469   4.842   1.00 0.00 ? 14 DT  B H72    1 
ATOM   440 H H73    . DT  B 2 4  ? 2.203   5.888   5.611   1.00 0.00 ? 14 DT  B H73    1 
ATOM   441 H H6     . DT  B 2 4  ? 0.950   7.365   4.161   1.00 0.00 ? 14 DT  B H6     1 
ATOM   442 P P      . DC  B 2 5  ? -3.773  10.011  1.371   1.00 0.00 ? 15 DC  B P      1 
ATOM   443 O OP1    . DC  B 2 5  ? -4.520  11.102  0.712   1.00 0.00 ? 15 DC  B OP1    1 
ATOM   444 O OP2    . DC  B 2 5  ? -4.339  9.311   2.544   1.00 0.00 ? 15 DC  B OP2    1 
ATOM   445 O "O5'"  . DC  B 2 5  ? -3.394  8.909   0.277   1.00 0.00 ? 15 DC  B "O5'"  1 
ATOM   446 C "C5'"  . DC  B 2 5  ? -2.682  9.248   -0.899  1.00 0.00 ? 15 DC  B "C5'"  1 
ATOM   447 C "C4'"  . DC  B 2 5  ? -2.160  7.973   -1.560  1.00 0.00 ? 15 DC  B "C4'"  1 
ATOM   448 O "O4'"  . DC  B 2 5  ? -1.266  7.239   -0.736  1.00 0.00 ? 15 DC  B "O4'"  1 
ATOM   449 C "C3'"  . DC  B 2 5  ? -3.296  7.014   -1.920  1.00 0.00 ? 15 DC  B "C3'"  1 
ATOM   450 O "O3'"  . DC  B 2 5  ? -3.572  7.125   -3.300  1.00 0.00 ? 15 DC  B "O3'"  1 
ATOM   451 C "C2'"  . DC  B 2 5  ? -2.750  5.641   -1.521  1.00 0.00 ? 15 DC  B "C2'"  1 
ATOM   452 C "C1'"  . DC  B 2 5  ? -1.264  5.935   -1.273  1.00 0.00 ? 15 DC  B "C1'"  1 
ATOM   453 N N1     . DC  B 2 5  ? -0.549  4.978   -0.378  1.00 0.00 ? 15 DC  B N1     1 
ATOM   454 C C2     . DC  B 2 5  ? 0.604   4.327   -0.858  1.00 0.00 ? 15 DC  B C2     1 
ATOM   455 O O2     . DC  B 2 5  ? 1.082   4.557   -1.970  1.00 0.00 ? 15 DC  B O2     1 
ATOM   456 N N3     . DC  B 2 5  ? 1.234   3.401   -0.088  1.00 0.00 ? 15 DC  B N3     1 
ATOM   457 C C4     . DC  B 2 5  ? 0.762   3.150   1.120   1.00 0.00 ? 15 DC  B C4     1 
ATOM   458 N N4     . DC  B 2 5  ? 1.451   2.306   1.843   1.00 0.00 ? 15 DC  B N4     1 
ATOM   459 C C5     . DC  B 2 5  ? -0.384  3.794   1.668   1.00 0.00 ? 15 DC  B C5     1 
ATOM   460 C C6     . DC  B 2 5  ? -1.023  4.698   0.883   1.00 0.00 ? 15 DC  B C6     1 
ATOM   461 H "H5'"  . DC  B 2 5  ? -1.837  9.892   -0.658  1.00 0.00 ? 15 DC  B "H5'"  1 
ATOM   462 H "H5''" . DC  B 2 5  ? -3.342  9.774   -1.591  1.00 0.00 ? 15 DC  B "H5''" 1 
ATOM   463 H "H4'"  . DC  B 2 5  ? -1.631  8.245   -2.474  1.00 0.00 ? 15 DC  B "H4'"  1 
ATOM   464 H "H3'"  . DC  B 2 5  ? -4.189  7.247   -1.336  1.00 0.00 ? 15 DC  B "H3'"  1 
ATOM   465 H "H2'"  . DC  B 2 5  ? -3.262  5.312   -0.617  1.00 0.00 ? 15 DC  B "H2'"  1 
ATOM   466 H "H2''" . DC  B 2 5  ? -2.881  4.904   -2.311  1.00 0.00 ? 15 DC  B "H2''" 1 
ATOM   467 H "H1'"  . DC  B 2 5  ? -0.766  5.960   -2.245  1.00 0.00 ? 15 DC  B "H1'"  1 
ATOM   468 H H41    . DC  B 2 5  ? 2.240   1.884   1.396   1.00 0.00 ? 15 DC  B H41    1 
ATOM   469 H H42    . DC  B 2 5  ? 1.220   2.150   2.804   1.00 0.00 ? 15 DC  B H42    1 
ATOM   470 H H5     . DC  B 2 5  ? -0.753  3.563   2.654   1.00 0.00 ? 15 DC  B H5     1 
ATOM   471 H H6     . DC  B 2 5  ? -1.911  5.204   1.243   1.00 0.00 ? 15 DC  B H6     1 
ATOM   472 P P      . DG  B 2 6  ? -4.938  6.550   -3.922  1.00 0.00 ? 16 DG  B P      1 
ATOM   473 O OP1    . DG  B 2 6  ? -5.227  7.291   -5.166  1.00 0.00 ? 16 DG  B OP1    1 
ATOM   474 O OP2    . DG  B 2 6  ? -5.959  6.451   -2.858  1.00 0.00 ? 16 DG  B OP2    1 
ATOM   475 O "O5'"  . DG  B 2 6  ? -4.496  5.062   -4.308  1.00 0.00 ? 16 DG  B "O5'"  1 
ATOM   476 C "C5'"  . DG  B 2 6  ? -3.550  4.822   -5.331  1.00 0.00 ? 16 DG  B "C5'"  1 
ATOM   477 C "C4'"  . DG  B 2 6  ? -3.949  3.608   -6.174  1.00 0.00 ? 16 DG  B "C4'"  1 
ATOM   478 O "O4'"  . DG  B 2 6  ? -3.547  2.433   -5.488  1.00 0.00 ? 16 DG  B "O4'"  1 
ATOM   479 C "C3'"  . DG  B 2 6  ? -5.447  3.463   -6.474  1.00 0.00 ? 16 DG  B "C3'"  1 
ATOM   480 O "O3'"  . DG  B 2 6  ? -5.500  2.895   -7.773  1.00 0.00 ? 16 DG  B "O3'"  1 
ATOM   481 C "C2'"  . DG  B 2 6  ? -5.900  2.523   -5.350  1.00 0.00 ? 16 DG  B "C2'"  1 
ATOM   482 C "C1'"  . DG  B 2 6  ? -4.671  1.618   -5.216  1.00 0.00 ? 16 DG  B "C1'"  1 
ATOM   483 N N9     . DG  B 2 6  ? -4.463  0.975   -3.889  1.00 0.00 ? 16 DG  B N9     1 
ATOM   484 C C8     . DG  B 2 6  ? -4.729  1.462   -2.631  1.00 0.00 ? 16 DG  B C8     1 
ATOM   485 N N7     . DG  B 2 6  ? -4.356  0.673   -1.658  1.00 0.00 ? 16 DG  B N7     1 
ATOM   486 C C5     . DG  B 2 6  ? -3.753  -0.409  -2.305  1.00 0.00 ? 16 DG  B C5     1 
ATOM   487 C C6     . DG  B 2 6  ? -3.057  -1.571  -1.800  1.00 0.00 ? 16 DG  B C6     1 
ATOM   488 O O6     . DG  B 2 6  ? -2.836  -1.942  -0.648  1.00 0.00 ? 16 DG  B O6     1 
ATOM   489 N N1     . DG  B 2 6  ? -2.522  -2.364  -2.796  1.00 0.00 ? 16 DG  B N1     1 
ATOM   490 C C2     . DG  B 2 6  ? -2.670  -2.114  -4.124  1.00 0.00 ? 16 DG  B C2     1 
ATOM   491 N N2     . DG  B 2 6  ? -2.092  -2.946  -4.954  1.00 0.00 ? 16 DG  B N2     1 
ATOM   492 N N3     . DG  B 2 6  ? -3.308  -1.058  -4.631  1.00 0.00 ? 16 DG  B N3     1 
ATOM   493 C C4     . DG  B 2 6  ? -3.821  -0.229  -3.673  1.00 0.00 ? 16 DG  B C4     1 
ATOM   494 H "H5'"  . DG  B 2 6  ? -2.573  4.640   -4.881  1.00 0.00 ? 16 DG  B "H5'"  1 
ATOM   495 H "H5''" . DG  B 2 6  ? -3.473  5.692   -5.985  1.00 0.00 ? 16 DG  B "H5''" 1 
ATOM   496 H "H4'"  . DG  B 2 6  ? -3.410  3.670   -7.119  1.00 0.00 ? 16 DG  B "H4'"  1 
ATOM   497 H "H3'"  . DG  B 2 6  ? -5.976  4.419   -6.447  1.00 0.00 ? 16 DG  B "H3'"  1 
ATOM   498 H "H2'"  . DG  B 2 6  ? -6.075  3.105   -4.446  1.00 0.00 ? 16 DG  B "H2'"  1 
ATOM   499 H "H2''" . DG  B 2 6  ? -6.801  1.966   -5.608  1.00 0.00 ? 16 DG  B "H2''" 1 
ATOM   500 H "H1'"  . DG  B 2 6  ? -4.730  0.851   -5.991  1.00 0.00 ? 16 DG  B "H1'"  1 
ATOM   501 H H8     . DG  B 2 6  ? -5.180  2.433   -2.461  1.00 0.00 ? 16 DG  B H8     1 
ATOM   502 H H1     . DG  B 2 6  ? -1.973  -3.161  -2.493  1.00 0.00 ? 16 DG  B H1     1 
ATOM   503 H H21    . DG  B 2 6  ? -1.509  -3.720  -4.617  1.00 0.00 ? 16 DG  B H21    1 
ATOM   504 H H22    . DG  B 2 6  ? -2.268  -2.782  -5.928  1.00 0.00 ? 16 DG  B H22    1 
ATOM   505 P P      . DA  B 2 7  ? -6.857  2.431   -8.492  1.00 0.00 ? 17 DA  B P      1 
ATOM   506 O OP1    . DA  B 2 7  ? -6.654  2.564   -9.951  1.00 0.00 ? 17 DA  B OP1    1 
ATOM   507 O OP2    . DA  B 2 7  ? -8.010  3.077   -7.832  1.00 0.00 ? 17 DA  B OP2    1 
ATOM   508 O "O5'"  . DA  B 2 7  ? -6.837  0.862   -8.112  1.00 0.00 ? 17 DA  B "O5'"  1 
ATOM   509 C "C5'"  . DA  B 2 7  ? -5.975  -0.017  -8.822  1.00 0.00 ? 17 DA  B "C5'"  1 
ATOM   510 C "C4'"  . DA  B 2 7  ? -6.174  -1.495  -8.489  1.00 0.00 ? 17 DA  B "C4'"  1 
ATOM   511 O "O4'"  . DA  B 2 7  ? -5.644  -1.825  -7.214  1.00 0.00 ? 17 DA  B "O4'"  1 
ATOM   512 C "C3'"  . DA  B 2 7  ? -7.634  -1.951  -8.551  1.00 0.00 ? 17 DA  B "C3'"  1 
ATOM   513 O "O3'"  . DA  B 2 7  ? -7.725  -2.815  -9.673  1.00 0.00 ? 17 DA  B "O3'"  1 
ATOM   514 C "C2'"  . DA  B 2 7  ? -7.842  -2.623  -7.191  1.00 0.00 ? 17 DA  B "C2'"  1 
ATOM   515 C "C1'"  . DA  B 2 7  ? -6.430  -2.854  -6.645  1.00 0.00 ? 17 DA  B "C1'"  1 
ATOM   516 N N9     . DA  B 2 7  ? -6.363  -2.716  -5.170  1.00 0.00 ? 17 DA  B N9     1 
ATOM   517 C C8     . DA  B 2 7  ? -6.813  -1.671  -4.401  1.00 0.00 ? 17 DA  B C8     1 
ATOM   518 N N7     . DA  B 2 7  ? -6.676  -1.851  -3.115  1.00 0.00 ? 17 DA  B N7     1 
ATOM   519 C C5     . DA  B 2 7  ? -6.060  -3.107  -3.026  1.00 0.00 ? 17 DA  B C5     1 
ATOM   520 C C6     . DA  B 2 7  ? -5.621  -3.936  -1.960  1.00 0.00 ? 17 DA  B C6     1 
ATOM   521 N N6     . DA  B 2 7  ? -5.746  -3.669  -0.672  1.00 0.00 ? 17 DA  B N6     1 
ATOM   522 N N1     . DA  B 2 7  ? -5.033  -5.114  -2.212  1.00 0.00 ? 17 DA  B N1     1 
ATOM   523 C C2     . DA  B 2 7  ? -4.908  -5.490  -3.477  1.00 0.00 ? 17 DA  B C2     1 
ATOM   524 N N3     . DA  B 2 7  ? -5.284  -4.833  -4.569  1.00 0.00 ? 17 DA  B N3     1 
ATOM   525 C C4     . DA  B 2 7  ? -5.851  -3.630  -4.276  1.00 0.00 ? 17 DA  B C4     1 
ATOM   526 H "H5'"  . DA  B 2 7  ? -4.936  0.257   -8.633  1.00 0.00 ? 17 DA  B "H5'"  1 
ATOM   527 H "H5''" . DA  B 2 7  ? -6.176  0.105   -9.887  1.00 0.00 ? 17 DA  B "H5''" 1 
ATOM   528 H "H4'"  . DA  B 2 7  ? -5.621  -2.066  -9.238  1.00 0.00 ? 17 DA  B "H4'"  1 
ATOM   529 H "H3'"  . DA  B 2 7  ? -8.315  -1.102  -8.659  1.00 0.00 ? 17 DA  B "H3'"  1 
ATOM   530 H "H2'"  . DA  B 2 7  ? -8.392  -1.930  -6.556  1.00 0.00 ? 17 DA  B "H2'"  1 
ATOM   531 H "H2''" . DA  B 2 7  ? -8.394  -3.557  -7.267  1.00 0.00 ? 17 DA  B "H2''" 1 
ATOM   532 H "H1'"  . DA  B 2 7  ? -6.068  -3.840  -6.954  1.00 0.00 ? 17 DA  B "H1'"  1 
ATOM   533 H H8     . DA  B 2 7  ? -7.252  -0.784  -4.840  1.00 0.00 ? 17 DA  B H8     1 
ATOM   534 H H61    . DA  B 2 7  ? -5.373  -4.365  -0.025  1.00 0.00 ? 17 DA  B H61    1 
ATOM   535 H H62    . DA  B 2 7  ? -6.171  -2.809  -0.372  1.00 0.00 ? 17 DA  B H62    1 
ATOM   536 H H2     . DA  B 2 7  ? -4.456  -6.461  -3.631  1.00 0.00 ? 17 DA  B H2     1 
ATOM   537 P P      . DT  B 2 8  ? -9.069  -3.581  -10.119 1.00 0.00 ? 18 DT  B P      1 
ATOM   538 O OP1    . DT  B 2 8  ? -8.975  -3.867  -11.566 1.00 0.00 ? 18 DT  B OP1    1 
ATOM   539 O OP2    . DT  B 2 8  ? -10.243 -2.877  -9.562  1.00 0.00 ? 18 DT  B OP2    1 
ATOM   540 O "O5'"  . DT  B 2 8  ? -8.872  -4.961  -9.318  1.00 0.00 ? 18 DT  B "O5'"  1 
ATOM   541 C "C5'"  . DT  B 2 8  ? -7.789  -5.816  -9.641  1.00 0.00 ? 18 DT  B "C5'"  1 
ATOM   542 C "C4'"  . DT  B 2 8  ? -7.732  -7.062  -8.752  1.00 0.00 ? 18 DT  B "C4'"  1 
ATOM   543 O "O4'"  . DT  B 2 8  ? -7.484  -6.708  -7.393  1.00 0.00 ? 18 DT  B "O4'"  1 
ATOM   544 C "C3'"  . DT  B 2 8  ? -9.020  -7.891  -8.796  1.00 0.00 ? 18 DT  B "C3'"  1 
ATOM   545 O "O3'"  . DT  B 2 8  ? -8.661  -9.248  -9.007  1.00 0.00 ? 18 DT  B "O3'"  1 
ATOM   546 C "C2'"  . DT  B 2 8  ? -9.602  -7.638  -7.406  1.00 0.00 ? 18 DT  B "C2'"  1 
ATOM   547 C "C1'"  . DT  B 2 8  ? -8.325  -7.496  -6.568  1.00 0.00 ? 18 DT  B "C1'"  1 
ATOM   548 N N1     . DT  B 2 8  ? -8.474  -6.856  -5.222  1.00 0.00 ? 18 DT  B N1     1 
ATOM   549 C C2     . DT  B 2 8  ? -7.862  -7.478  -4.122  1.00 0.00 ? 18 DT  B C2     1 
ATOM   550 O O2     . DT  B 2 8  ? -7.269  -8.549  -4.185  1.00 0.00 ? 18 DT  B O2     1 
ATOM   551 N N3     . DT  B 2 8  ? -7.936  -6.824  -2.908  1.00 0.00 ? 18 DT  B N3     1 
ATOM   552 C C4     . DT  B 2 8  ? -8.559  -5.620  -2.674  1.00 0.00 ? 18 DT  B C4     1 
ATOM   553 O O4     . DT  B 2 8  ? -8.531  -5.161  -1.532  1.00 0.00 ? 18 DT  B O4     1 
ATOM   554 C C5     . DT  B 2 8  ? -9.170  -5.013  -3.859  1.00 0.00 ? 18 DT  B C5     1 
ATOM   555 C C7     . DT  B 2 8  ? -9.871  -3.670  -3.756  1.00 0.00 ? 18 DT  B C7     1 
ATOM   556 C C6     . DT  B 2 8  ? -9.110  -5.638  -5.070  1.00 0.00 ? 18 DT  B C6     1 
ATOM   557 H "H5'"  . DT  B 2 8  ? -6.851  -5.268  -9.534  1.00 0.00 ? 18 DT  B "H5'"  1 
ATOM   558 H "H5''" . DT  B 2 8  ? -7.888  -6.127  -10.682 1.00 0.00 ? 18 DT  B "H5''" 1 
ATOM   559 H "H4'"  . DT  B 2 8  ? -6.911  -7.686  -9.108  1.00 0.00 ? 18 DT  B "H4'"  1 
ATOM   560 H "H3'"  . DT  B 2 8  ? -9.693  -7.550  -9.585  1.00 0.00 ? 18 DT  B "H3'"  1 
ATOM   561 H "H2'"  . DT  B 2 8  ? -10.165 -6.705  -7.435  1.00 0.00 ? 18 DT  B "H2'"  1 
ATOM   562 H "H2''" . DT  B 2 8  ? -10.236 -8.459  -7.078  1.00 0.00 ? 18 DT  B "H2''" 1 
ATOM   563 H "H1'"  . DT  B 2 8  ? -7.885  -8.493  -6.459  1.00 0.00 ? 18 DT  B "H1'"  1 
ATOM   564 H H3     . DT  B 2 8  ? -7.444  -7.242  -2.125  1.00 0.00 ? 18 DT  B H3     1 
ATOM   565 H H71    . DT  B 2 8  ? -9.356  -3.037  -3.031  1.00 0.00 ? 18 DT  B H71    1 
ATOM   566 H H72    . DT  B 2 8  ? -10.900 -3.820  -3.425  1.00 0.00 ? 18 DT  B H72    1 
ATOM   567 H H73    . DT  B 2 8  ? -9.874  -3.161  -4.720  1.00 0.00 ? 18 DT  B H73    1 
ATOM   568 H H6     . DT  B 2 8  ? -9.549  -5.169  -5.941  1.00 0.00 ? 18 DT  B H6     1 
ATOM   569 P P      . DG  B 2 9  ? -9.752  -10.400 -9.313  1.00 0.00 ? 19 DG  B P      1 
ATOM   570 O OP1    . DG  B 2 9  ? -9.255  -11.227 -10.433 1.00 0.00 ? 19 DG  B OP1    1 
ATOM   571 O OP2    . DG  B 2 9  ? -11.098 -9.792  -9.370  1.00 0.00 ? 19 DG  B OP2    1 
ATOM   572 O "O5'"  . DG  B 2 9  ? -9.661  -11.255 -7.961  1.00 0.00 ? 19 DG  B "O5'"  1 
ATOM   573 C "C5'"  . DG  B 2 9  ? -8.510  -12.028 -7.665  1.00 0.00 ? 19 DG  B "C5'"  1 
ATOM   574 C "C4'"  . DG  B 2 9  ? -8.642  -12.658 -6.281  1.00 0.00 ? 19 DG  B "C4'"  1 
ATOM   575 O "O4'"  . DG  B 2 9  ? -8.563  -11.630 -5.307  1.00 0.00 ? 19 DG  B "O4'"  1 
ATOM   576 C "C3'"  . DG  B 2 9  ? -9.955  -13.432 -6.078  1.00 0.00 ? 19 DG  B "C3'"  1 
ATOM   577 O "O3'"  . DG  B 2 9  ? -9.625  -14.775 -5.758  1.00 0.00 ? 19 DG  B "O3'"  1 
ATOM   578 C "C2'"  . DG  B 2 9  ? -10.612 -12.660 -4.936  1.00 0.00 ? 19 DG  B "C2'"  1 
ATOM   579 C "C1'"  . DG  B 2 9  ? -9.441  -11.943 -4.252  1.00 0.00 ? 19 DG  B "C1'"  1 
ATOM   580 N N9     . DG  B 2 9  ? -9.837  -10.673 -3.602  1.00 0.00 ? 19 DG  B N9     1 
ATOM   581 C C8     . DG  B 2 9  ? -10.503 -9.623  -4.180  1.00 0.00 ? 19 DG  B C8     1 
ATOM   582 N N7     . DG  B 2 9  ? -10.845 -8.678  -3.349  1.00 0.00 ? 19 DG  B N7     1 
ATOM   583 C C5     . DG  B 2 9  ? -10.326 -9.113  -2.125  1.00 0.00 ? 19 DG  B C5     1 
ATOM   584 C C6     . DG  B 2 9  ? -10.384 -8.530  -0.811  1.00 0.00 ? 19 DG  B C6     1 
ATOM   585 O O6     . DG  B 2 9  ? -10.935 -7.502  -0.426  1.00 0.00 ? 19 DG  B O6     1 
ATOM   586 N N1     . DG  B 2 9  ? -9.719  -9.272  0.144   1.00 0.00 ? 19 DG  B N1     1 
ATOM   587 C C2     . DG  B 2 9  ? -9.015  -10.400 -0.120  1.00 0.00 ? 19 DG  B C2     1 
ATOM   588 N N2     . DG  B 2 9  ? -8.413  -10.960 0.903   1.00 0.00 ? 19 DG  B N2     1 
ATOM   589 N N3     . DG  B 2 9  ? -8.955  -10.987 -1.318  1.00 0.00 ? 19 DG  B N3     1 
ATOM   590 C C4     . DG  B 2 9  ? -9.642  -10.301 -2.286  1.00 0.00 ? 19 DG  B C4     1 
ATOM   591 H "H5'"  . DG  B 2 9  ? -7.629  -11.386 -7.675  1.00 0.00 ? 19 DG  B "H5'"  1 
ATOM   592 H "H5''" . DG  B 2 9  ? -8.386  -12.813 -8.413  1.00 0.00 ? 19 DG  B "H5''" 1 
ATOM   593 H "H4'"  . DG  B 2 9  ? -7.809  -13.340 -6.118  1.00 0.00 ? 19 DG  B "H4'"  1 
ATOM   594 H "H3'"  . DG  B 2 9  ? -10.587 -13.405 -6.969  1.00 0.00 ? 19 DG  B "H3'"  1 
ATOM   595 H "H2'"  . DG  B 2 9  ? -11.317 -11.947 -5.363  1.00 0.00 ? 19 DG  B "H2'"  1 
ATOM   596 H "H2''" . DG  B 2 9  ? -11.131 -13.326 -4.259  1.00 0.00 ? 19 DG  B "H2''" 1 
ATOM   597 H "H1'"  . DG  B 2 9  ? -8.955  -12.611 -3.537  1.00 0.00 ? 19 DG  B "H1'"  1 
ATOM   598 H H8     . DG  B 2 9  ? -10.731 -9.611  -5.237  1.00 0.00 ? 19 DG  B H8     1 
ATOM   599 H H1     . DG  B 2 9  ? -9.753  -8.936  1.101   1.00 0.00 ? 19 DG  B H1     1 
ATOM   600 H H21    . DG  B 2 9  ? -8.544  -10.618 1.863   1.00 0.00 ? 19 DG  B H21    1 
ATOM   601 H H22    . DG  B 2 9  ? -7.888  -11.789 0.701   1.00 0.00 ? 19 DG  B H22    1 
ATOM   602 P P      . DT  B 2 10 ? -10.716 -15.899 -5.354  1.00 0.00 ? 20 DT  B P      1 
ATOM   603 O OP1    . DT  B 2 10 ? -10.221 -17.215 -5.810  1.00 0.00 ? 20 DT  B OP1    1 
ATOM   604 O OP2    . DT  B 2 10 ? -12.068 -15.431 -5.729  1.00 0.00 ? 20 DT  B OP2    1 
ATOM   605 O "O5'"  . DT  B 2 10 ? -10.593 -15.817 -3.745  1.00 0.00 ? 20 DT  B "O5'"  1 
ATOM   606 C "C5'"  . DT  B 2 10 ? -9.339  -15.958 -3.094  1.00 0.00 ? 20 DT  B "C5'"  1 
ATOM   607 C "C4'"  . DT  B 2 10 ? -9.392  -15.457 -1.639  1.00 0.00 ? 20 DT  B "C4'"  1 
ATOM   608 O "O4'"  . DT  B 2 10 ? -9.821  -14.096 -1.522  1.00 0.00 ? 20 DT  B "O4'"  1 
ATOM   609 C "C3'"  . DT  B 2 10 ? -10.357 -16.298 -0.794  1.00 0.00 ? 20 DT  B "C3'"  1 
ATOM   610 O "O3'"  . DT  B 2 10 ? -9.745  -16.665 0.431   1.00 0.00 ? 20 DT  B "O3'"  1 
ATOM   611 C "C2'"  . DT  B 2 10 ? -11.489 -15.312 -0.536  1.00 0.00 ? 20 DT  B "C2'"  1 
ATOM   612 C "C1'"  . DT  B 2 10 ? -10.694 -14.012 -0.398  1.00 0.00 ? 20 DT  B "C1'"  1 
ATOM   613 N N1     . DT  B 2 10 ? -11.565 -12.798 -0.403  1.00 0.00 ? 20 DT  B N1     1 
ATOM   614 C C2     . DT  B 2 10 ? -11.764 -12.073 0.783   1.00 0.00 ? 20 DT  B C2     1 
ATOM   615 O O2     . DT  B 2 10 ? -11.258 -12.383 1.855   1.00 0.00 ? 20 DT  B O2     1 
ATOM   616 N N3     . DT  B 2 10 ? -12.601 -10.970 0.714   1.00 0.00 ? 20 DT  B N3     1 
ATOM   617 C C4     . DT  B 2 10 ? -13.287 -10.549 -0.412  1.00 0.00 ? 20 DT  B C4     1 
ATOM   618 O O4     . DT  B 2 10 ? -14.026 -9.573  -0.305  1.00 0.00 ? 20 DT  B O4     1 
ATOM   619 C C5     . DT  B 2 10 ? -13.041 -11.361 -1.611  1.00 0.00 ? 20 DT  B C5     1 
ATOM   620 C C7     . DT  B 2 10 ? -13.705 -11.059 -2.946  1.00 0.00 ? 20 DT  B C7     1 
ATOM   621 C C6     . DT  B 2 10 ? -12.207 -12.431 -1.558  1.00 0.00 ? 20 DT  B C6     1 
ATOM   622 H "H5'"  . DT  B 2 10 ? -8.579  -15.391 -3.631  1.00 0.00 ? 20 DT  B "H5'"  1 
ATOM   623 H "H5''" . DT  B 2 10 ? -9.045  -17.010 -3.108  1.00 0.00 ? 20 DT  B "H5''" 1 
ATOM   624 H "H4'"  . DT  B 2 10 ? -8.389  -15.545 -1.217  1.00 0.00 ? 20 DT  B "H4'"  1 
ATOM   625 H "H3'"  . DT  B 2 10 ? -10.704 -17.178 -1.343  1.00 0.00 ? 20 DT  B "H3'"  1 
ATOM   626 H "HO3'" . DT  B 2 10 ? -10.313 -17.287 0.895   1.00 0.00 ? 20 DT  B "HO3'" 1 
ATOM   627 H "H2'"  . DT  B 2 10 ? -12.137 -15.271 -1.414  1.00 0.00 ? 20 DT  B "H2'"  1 
ATOM   628 H "H2''" . DT  B 2 10 ? -12.058 -15.554 0.362   1.00 0.00 ? 20 DT  B "H2''" 1 
ATOM   629 H "H1'"  . DT  B 2 10 ? -10.106 -14.047 0.524   1.00 0.00 ? 20 DT  B "H1'"  1 
ATOM   630 H H3     . DT  B 2 10 ? -12.740 -10.431 1.561   1.00 0.00 ? 20 DT  B H3     1 
ATOM   631 H H71    . DT  B 2 10 ? -13.737 -11.960 -3.563  1.00 0.00 ? 20 DT  B H71    1 
ATOM   632 H H72    . DT  B 2 10 ? -13.138 -10.296 -3.476  1.00 0.00 ? 20 DT  B H72    1 
ATOM   633 H H73    . DT  B 2 10 ? -14.723 -10.708 -2.788  1.00 0.00 ? 20 DT  B H73    1 
ATOM   634 H H6     . DT  B 2 10 ? -12.032 -13.033 -2.434  1.00 0.00 ? 20 DT  B H6     1 
HETATM 635 C C8A    . AFN C 3 .  ? 4.740   -2.203  0.559   1.00 0.00 ? 11 AFN A C8A    1 
HETATM 636 C C9     . AFN C 3 .  ? 3.345   -2.061  1.191   1.00 0.00 ? 11 AFN A C9     1 
HETATM 637 O O9     . AFN C 3 .  ? 3.455   -2.335  2.562   1.00 0.00 ? 11 AFN A O9     1 
HETATM 638 C C9A    . AFN C 3 .  ? 2.496   -3.107  0.489   1.00 0.00 ? 11 AFN A C9A    1 
HETATM 639 C C9B    . AFN C 3 .  ? 1.982   -2.647  -0.835  1.00 0.00 ? 11 AFN A C9B    1 
HETATM 640 O O7     . AFN C 3 .  ? 4.831   -3.620  0.433   1.00 0.00 ? 11 AFN A O7     1 
HETATM 641 C C6A    . AFN C 3 .  ? 3.553   -4.156  0.091   1.00 0.00 ? 11 AFN A C6A    1 
HETATM 642 O O6A    . AFN C 3 .  ? 3.453   -4.334  -1.330  1.00 0.00 ? 11 AFN A O6A    1 
HETATM 643 C C5A    . AFN C 3 .  ? 2.605   -3.362  -1.799  1.00 0.00 ? 11 AFN A C5A    1 
HETATM 644 C C5B    . AFN C 3 .  ? 2.432   -3.020  -3.145  1.00 0.00 ? 11 AFN A C5B    1 
HETATM 645 C C4B    . AFN C 3 .  ? 1.628   -1.906  -3.464  1.00 0.00 ? 11 AFN A C4B    1 
HETATM 646 O O4     . AFN C 3 .  ? 1.452   -1.531  -4.745  1.00 0.00 ? 11 AFN A O4     1 
HETATM 647 C CM     . AFN C 3 .  ? 1.610   -2.399  -5.849  1.00 0.00 ? 11 AFN A CM     1 
HETATM 648 C C4A    . AFN C 3 .  ? 0.987   -1.155  -2.427  1.00 0.00 ? 11 AFN A C4A    1 
HETATM 649 C C10    . AFN C 3 .  ? 1.149   -1.586  -1.116  1.00 0.00 ? 11 AFN A C10    1 
HETATM 650 O O10    . AFN C 3 .  ? 0.522   -0.921  -0.086  1.00 0.00 ? 11 AFN A O10    1 
HETATM 651 C C11    . AFN C 3 .  ? -0.368  0.147   -0.302  1.00 0.00 ? 11 AFN A C11    1 
HETATM 652 O O11    . AFN C 3 .  ? -1.008  0.550   0.667   1.00 0.00 ? 11 AFN A O11    1 
HETATM 653 C C12    . AFN C 3 .  ? -0.405  0.656   -1.636  1.00 0.00 ? 11 AFN A C12    1 
HETATM 654 C C3A    . AFN C 3 .  ? 0.245   -0.002  -2.651  1.00 0.00 ? 11 AFN A C3A    1 
HETATM 655 C C3     . AFN C 3 .  ? -0.008  0.693   -3.963  1.00 0.00 ? 11 AFN A C3     1 
HETATM 656 C C2A    . AFN C 3 .  ? -0.645  2.011   -3.555  1.00 0.00 ? 11 AFN A C2A    1 
HETATM 657 C C1     . AFN C 3 .  ? -1.094  1.815   -2.107  1.00 0.00 ? 11 AFN A C1     1 
HETATM 658 O O1     . AFN C 3 .  ? -1.857  2.602   -1.551  1.00 0.00 ? 11 AFN A O1     1 
HETATM 659 H H8A    . AFN C 3 .  ? 5.474   -1.786  1.252   1.00 0.00 ? 11 AFN A H8A    1 
HETATM 660 H H9     . AFN C 3 .  ? 2.909   -1.087  1.065   1.00 0.00 ? 11 AFN A H9     1 
HETATM 661 H HO9    . AFN C 3 .  ? 3.968   -3.140  2.644   1.00 0.00 ? 11 AFN A HO9    1 
HETATM 662 H H9A    . AFN C 3 .  ? 1.704   -3.506  1.122   1.00 0.00 ? 11 AFN A H9A    1 
HETATM 663 H H6A    . AFN C 3 .  ? 3.394   -5.106  0.604   1.00 0.00 ? 11 AFN A H6A    1 
HETATM 664 H H5B    . AFN C 3 .  ? 2.944   -3.589  -3.905  1.00 0.00 ? 11 AFN A H5B    1 
HETATM 665 H HM1    . AFN C 3 .  ? 1.152   -1.944  -6.726  1.00 0.00 ? 11 AFN A HM1    1 
HETATM 666 H HM2    . AFN C 3 .  ? 1.118   -3.350  -5.644  1.00 0.00 ? 11 AFN A HM2    1 
HETATM 667 H HM3    . AFN C 3 .  ? 2.671   -2.566  -6.040  1.00 0.00 ? 11 AFN A HM3    1 
HETATM 668 H H31    . AFN C 3 .  ? 0.909   0.882   -4.520  1.00 0.00 ? 11 AFN A H31    1 
HETATM 669 H H32    . AFN C 3 .  ? -0.716  0.110   -4.551  1.00 0.00 ? 11 AFN A H32    1 
HETATM 670 H H2A1   . AFN C 3 .  ? 0.099   2.805   -3.600  1.00 0.00 ? 11 AFN A H2A1   1 
HETATM 671 H H2A2   . AFN C 3 .  ? -1.476  2.262   -4.204  1.00 0.00 ? 11 AFN A H2A2   1 
# 
